data_2X0F
#
_entry.id   2X0F
#
_cell.length_a   75.940
_cell.length_b   75.650
_cell.length_c   77.480
_cell.angle_alpha   90.00
_cell.angle_beta   102.78
_cell.angle_gamma   90.00
#
_symmetry.space_group_name_H-M   'P 1 21 1'
#
loop_
_entity.id
_entity.type
_entity.pdbx_description
1 polymer WSAF
2 non-polymer GLYCEROL
3 non-polymer "2'-DEOXY-THYMIDINE-BETA-L-RHAMNOSE"
4 water water
#
_entity_poly.entity_id   1
_entity_poly.type   'polypeptide(L)'
_entity_poly.pdbx_seq_one_letter_code
;MLQKLIQILRRNEYVKNVYKNTVSNFIETSIPEITPFNARTSSIKGKRLNLLVPSINQEHMFGGISTALKLFEQFDNAAF
AKRIILTDATPNPKDLQSFKSFKYVMPEEDKDFALQIVPFNDRYNRTIPVAKHDIFIATAWWTAYAAQRIVSWQSDTYGI
PPNKILYIIQDFEPGFYQWSSQYVLAESTYKYRGPQIAVFNSELLKQYFNNKGYNFTDEYFFQPKINTTLKNYINDKRQK
EKIILVYGRPSVKRNAFTLIVEALKIFVQKYDRSNEWKIISVGEKHKDIALGKGIHLNSLGKLTLEDYADLLKRSSIGIS
LMISPHPSYPPLEMAHFGLRVITNKYENKDLSNWHSNIVSLEQLNPENIAETLVELCMSFNNRDVDKKESSNMMFYINEF
NEFSFIKEIEEKL
;
_entity_poly.pdbx_strand_id   A,B
#
# COMPACT_ATOMS: atom_id res chain seq x y z
N GLU A 28 6.98 -6.46 -16.93
CA GLU A 28 7.65 -5.18 -16.79
C GLU A 28 9.06 -5.35 -16.26
N THR A 29 10.05 -4.86 -17.02
CA THR A 29 11.44 -4.93 -16.61
C THR A 29 11.96 -3.56 -16.19
N SER A 30 11.23 -2.52 -16.57
CA SER A 30 11.60 -1.17 -16.21
C SER A 30 10.47 -0.48 -15.46
N ILE A 31 10.74 0.73 -14.98
CA ILE A 31 9.76 1.49 -14.21
C ILE A 31 9.46 2.80 -14.92
N PRO A 32 8.30 2.88 -15.57
CA PRO A 32 7.91 4.00 -16.45
C PRO A 32 8.00 5.36 -15.77
N GLU A 33 7.56 5.44 -14.51
CA GLU A 33 7.52 6.71 -13.80
C GLU A 33 8.86 7.42 -13.73
N ILE A 34 9.95 6.66 -13.80
CA ILE A 34 11.29 7.22 -13.63
C ILE A 34 12.14 7.23 -14.91
N THR A 35 11.49 7.25 -16.06
CA THR A 35 12.17 7.51 -17.32
C THR A 35 13.02 8.78 -17.16
N PRO A 36 14.27 8.74 -17.65
CA PRO A 36 15.22 9.85 -17.47
C PRO A 36 14.67 11.19 -17.92
N PHE A 37 14.96 12.22 -17.12
CA PHE A 37 14.54 13.59 -17.39
C PHE A 37 15.74 14.40 -17.84
N ASN A 38 16.18 14.19 -19.07
CA ASN A 38 17.40 14.81 -19.58
C ASN A 38 17.35 16.32 -19.72
N ALA A 39 18.41 16.98 -19.28
CA ALA A 39 18.51 18.44 -19.38
C ALA A 39 19.72 18.86 -20.20
N ARG A 40 19.72 20.11 -20.65
CA ARG A 40 20.87 20.69 -21.32
C ARG A 40 21.04 22.12 -20.85
N THR A 41 22.23 22.68 -21.02
CA THR A 41 22.51 24.02 -20.54
C THR A 41 21.77 25.10 -21.32
N SER A 42 21.54 26.22 -20.65
CA SER A 42 20.84 27.35 -21.25
C SER A 42 21.48 28.65 -20.79
N SER A 43 21.41 29.67 -21.63
CA SER A 43 22.06 30.94 -21.36
C SER A 43 21.21 31.91 -20.55
N ILE A 44 19.93 31.59 -20.39
CA ILE A 44 19.04 32.40 -19.54
C ILE A 44 19.72 32.67 -18.20
N LYS A 45 19.64 33.92 -17.74
CA LYS A 45 20.40 34.33 -16.55
C LYS A 45 19.54 34.74 -15.36
N GLY A 46 18.29 35.09 -15.59
CA GLY A 46 17.40 35.46 -14.51
C GLY A 46 16.97 34.26 -13.68
N LYS A 47 16.27 34.54 -12.57
CA LYS A 47 15.68 33.48 -11.76
C LYS A 47 14.39 33.03 -12.40
N ARG A 48 14.17 31.71 -12.46
CA ARG A 48 12.97 31.17 -13.09
C ARG A 48 12.39 30.00 -12.30
N LEU A 49 11.08 30.06 -12.07
CA LEU A 49 10.37 28.99 -11.37
C LEU A 49 9.80 28.01 -12.39
N ASN A 50 10.08 26.72 -12.18
CA ASN A 50 9.62 25.68 -13.10
C ASN A 50 8.66 24.72 -12.41
N LEU A 51 7.42 24.70 -12.86
CA LEU A 51 6.40 23.83 -12.26
C LEU A 51 6.32 22.49 -13.01
N LEU A 52 6.69 21.42 -12.31
CA LEU A 52 6.60 20.10 -12.91
C LEU A 52 5.25 19.48 -12.60
N VAL A 53 4.39 19.41 -13.61
CA VAL A 53 3.07 18.81 -13.46
C VAL A 53 2.81 17.80 -14.57
N PRO A 54 2.13 16.70 -14.23
CA PRO A 54 1.78 15.65 -15.19
C PRO A 54 0.99 16.18 -16.37
N SER A 55 0.06 17.12 -16.11
CA SER A 55 -0.82 17.63 -17.15
C SER A 55 -1.55 18.91 -16.75
N ILE A 56 -1.98 19.68 -17.75
CA ILE A 56 -2.81 20.85 -17.51
C ILE A 56 -4.13 20.74 -18.28
N ASN A 57 -4.33 19.62 -18.96
CA ASN A 57 -5.58 19.36 -19.66
C ASN A 57 -6.78 19.50 -18.71
N GLN A 58 -7.92 19.93 -19.25
CA GLN A 58 -9.13 20.06 -18.45
C GLN A 58 -9.59 18.72 -17.90
N GLU A 59 -9.45 17.67 -18.71
CA GLU A 59 -9.78 16.31 -18.31
C GLU A 59 -9.08 15.92 -17.01
N HIS A 60 -7.89 16.45 -16.79
CA HIS A 60 -7.09 16.12 -15.60
C HIS A 60 -7.08 17.26 -14.59
N MET A 61 -7.76 18.35 -14.91
CA MET A 61 -7.76 19.54 -14.06
C MET A 61 -8.60 19.34 -12.80
N PHE A 62 -8.21 18.38 -11.97
CA PHE A 62 -8.92 18.09 -10.74
C PHE A 62 -7.92 17.91 -9.60
N GLY A 63 -8.01 16.77 -8.92
CA GLY A 63 -7.11 16.44 -7.82
C GLY A 63 -6.24 17.57 -7.30
N GLY A 64 -4.93 17.41 -7.38
CA GLY A 64 -3.99 18.39 -6.88
C GLY A 64 -3.33 19.21 -7.97
N ILE A 65 -3.59 18.83 -9.22
CA ILE A 65 -3.07 19.57 -10.37
C ILE A 65 -3.63 21.00 -10.40
N SER A 66 -4.87 21.17 -9.98
CA SER A 66 -5.50 22.49 -9.93
C SER A 66 -4.98 23.28 -8.73
N THR A 67 -4.77 22.60 -7.62
CA THR A 67 -4.24 23.24 -6.41
C THR A 67 -2.81 23.74 -6.65
N ALA A 68 -1.99 22.92 -7.31
CA ALA A 68 -0.63 23.31 -7.61
C ALA A 68 -0.60 24.54 -8.52
N LEU A 69 -1.48 24.56 -9.52
CA LEU A 69 -1.56 25.70 -10.42
C LEU A 69 -2.04 26.95 -9.71
N LYS A 70 -2.90 26.77 -8.71
CA LYS A 70 -3.40 27.88 -7.91
C LYS A 70 -2.26 28.46 -7.08
N LEU A 71 -1.45 27.59 -6.51
CA LEU A 71 -0.34 27.99 -5.67
C LEU A 71 0.79 28.61 -6.51
N PHE A 72 1.03 28.04 -7.68
CA PHE A 72 2.05 28.54 -8.60
C PHE A 72 1.68 29.92 -9.10
N GLU A 73 0.39 30.19 -9.11
CA GLU A 73 -0.16 31.47 -9.57
C GLU A 73 0.24 32.59 -8.61
N GLN A 74 0.42 32.22 -7.34
CA GLN A 74 0.75 33.17 -6.28
C GLN A 74 2.14 33.81 -6.43
N PHE A 75 3.11 33.04 -6.91
CA PHE A 75 4.48 33.54 -7.01
C PHE A 75 4.59 34.79 -7.88
N ASP A 76 5.40 35.74 -7.43
CA ASP A 76 5.51 37.04 -8.07
C ASP A 76 6.14 36.95 -9.46
N ASN A 77 5.32 37.10 -10.49
CA ASN A 77 5.80 37.05 -11.86
C ASN A 77 6.71 38.23 -12.18
N ALA A 78 6.77 39.19 -11.25
CA ALA A 78 7.63 40.36 -11.41
C ALA A 78 9.06 40.01 -11.02
N ALA A 79 9.21 39.09 -10.07
CA ALA A 79 10.53 38.70 -9.59
C ALA A 79 10.97 37.37 -10.18
N PHE A 80 10.05 36.70 -10.87
CA PHE A 80 10.32 35.37 -11.40
C PHE A 80 9.72 35.13 -12.79
N ALA A 81 10.53 34.57 -13.68
CA ALA A 81 10.01 34.00 -14.92
C ALA A 81 9.35 32.68 -14.54
N LYS A 82 8.34 32.28 -15.31
CA LYS A 82 7.60 31.07 -14.97
C LYS A 82 7.48 30.12 -16.16
N ARG A 83 7.91 28.88 -15.96
CA ARG A 83 7.77 27.86 -16.98
C ARG A 83 7.08 26.64 -16.40
N ILE A 84 6.04 26.19 -17.08
CA ILE A 84 5.35 24.97 -16.70
C ILE A 84 5.78 23.84 -17.61
N ILE A 85 6.27 22.76 -17.01
CA ILE A 85 6.76 21.61 -17.76
C ILE A 85 5.80 20.44 -17.58
N LEU A 86 5.21 20.01 -18.68
CA LEU A 86 4.25 18.90 -18.67
C LEU A 86 4.99 17.58 -18.80
N THR A 87 4.80 16.70 -17.83
CA THR A 87 5.61 15.49 -17.75
C THR A 87 4.92 14.22 -18.24
N ASP A 88 3.60 14.27 -18.39
CA ASP A 88 2.83 13.07 -18.71
C ASP A 88 1.83 13.23 -19.87
N ALA A 89 1.17 14.38 -19.94
CA ALA A 89 0.12 14.59 -20.93
C ALA A 89 0.26 15.91 -21.69
N THR A 90 0.27 15.82 -23.02
CA THR A 90 0.29 17.01 -23.87
C THR A 90 -1.11 17.57 -24.02
N PRO A 91 -1.23 18.91 -24.09
CA PRO A 91 -2.53 19.57 -24.22
C PRO A 91 -3.04 19.60 -25.66
N ASN A 92 -4.32 19.89 -25.82
CA ASN A 92 -4.87 20.21 -27.12
C ASN A 92 -5.27 21.68 -27.13
N PRO A 93 -5.41 22.29 -28.32
CA PRO A 93 -5.66 23.73 -28.45
C PRO A 93 -6.63 24.26 -27.39
N LYS A 94 -7.68 23.51 -27.11
CA LYS A 94 -8.68 23.90 -26.12
C LYS A 94 -8.05 24.12 -24.74
N ASP A 95 -7.31 23.12 -24.28
CA ASP A 95 -6.69 23.16 -22.97
C ASP A 95 -5.82 24.40 -22.77
N LEU A 96 -5.09 24.80 -23.81
CA LEU A 96 -4.19 25.94 -23.72
C LEU A 96 -4.95 27.26 -23.62
N GLN A 97 -6.25 27.20 -23.84
CA GLN A 97 -7.09 28.39 -23.75
C GLN A 97 -7.11 28.94 -22.33
N SER A 98 -6.84 28.07 -21.35
CA SER A 98 -6.84 28.45 -19.95
C SER A 98 -5.51 29.08 -19.56
N PHE A 99 -4.55 29.04 -20.49
CA PHE A 99 -3.23 29.62 -20.29
C PHE A 99 -2.86 30.49 -21.48
N LYS A 100 -3.73 31.45 -21.79
CA LYS A 100 -3.54 32.30 -22.96
C LYS A 100 -2.31 33.19 -22.87
N SER A 101 -1.94 33.57 -21.65
CA SER A 101 -0.78 34.43 -21.43
C SER A 101 0.53 33.67 -21.49
N PHE A 102 0.44 32.35 -21.69
CA PHE A 102 1.61 31.49 -21.73
C PHE A 102 2.05 31.15 -23.14
N LYS A 103 3.35 31.33 -23.42
CA LYS A 103 3.93 30.94 -24.69
C LYS A 103 4.21 29.44 -24.72
N TYR A 104 3.55 28.73 -25.64
CA TYR A 104 3.72 27.28 -25.76
C TYR A 104 4.94 26.96 -26.61
N VAL A 105 5.95 26.35 -25.99
CA VAL A 105 7.24 26.16 -26.63
C VAL A 105 7.72 24.70 -26.58
N MET A 106 8.43 24.29 -27.63
CA MET A 106 8.96 22.92 -27.70
C MET A 106 10.27 22.80 -26.94
N PRO A 107 10.56 21.59 -26.42
CA PRO A 107 11.77 21.32 -25.64
C PRO A 107 13.04 21.73 -26.38
N GLU A 108 13.01 21.67 -27.71
CA GLU A 108 14.19 21.92 -28.53
C GLU A 108 14.52 23.40 -28.65
N GLU A 109 13.54 24.24 -28.35
CA GLU A 109 13.75 25.68 -28.38
C GLU A 109 14.29 26.16 -27.04
N ASP A 110 14.86 27.36 -27.02
CA ASP A 110 15.42 27.90 -25.79
C ASP A 110 15.13 29.40 -25.68
N LYS A 111 13.85 29.74 -25.67
CA LYS A 111 13.43 31.13 -25.58
C LYS A 111 13.44 31.62 -24.14
N ASP A 112 13.60 32.93 -23.96
CA ASP A 112 13.59 33.50 -22.62
C ASP A 112 12.32 34.31 -22.36
N PHE A 113 11.16 33.69 -22.63
CA PHE A 113 9.88 34.33 -22.33
C PHE A 113 9.67 34.41 -20.83
N ALA A 114 8.77 35.29 -20.41
CA ALA A 114 8.46 35.44 -18.99
C ALA A 114 7.49 34.35 -18.55
N LEU A 115 6.62 33.93 -19.45
CA LEU A 115 5.69 32.85 -19.19
C LEU A 115 5.76 31.83 -20.31
N GLN A 116 5.90 30.56 -19.95
CA GLN A 116 6.24 29.54 -20.93
C GLN A 116 5.71 28.17 -20.52
N ILE A 117 5.20 27.42 -21.49
CA ILE A 117 4.76 26.05 -21.25
C ILE A 117 5.50 25.11 -22.20
N VAL A 118 6.14 24.08 -21.64
CA VAL A 118 6.87 23.12 -22.44
C VAL A 118 6.37 21.69 -22.22
N PRO A 119 5.95 21.03 -23.30
CA PRO A 119 5.56 19.61 -23.22
C PRO A 119 6.79 18.72 -23.19
N PHE A 120 6.88 17.84 -22.20
CA PHE A 120 8.05 16.98 -22.05
C PHE A 120 7.66 15.60 -21.54
N ASN A 121 6.55 15.06 -22.05
CA ASN A 121 6.12 13.72 -21.69
C ASN A 121 6.77 12.67 -22.58
N ASP A 122 7.06 13.05 -23.82
CA ASP A 122 7.82 12.21 -24.73
C ASP A 122 9.28 12.63 -24.67
N ARG A 123 10.06 11.98 -23.80
CA ARG A 123 11.39 12.47 -23.46
C ARG A 123 12.55 11.73 -24.10
N TYR A 124 12.32 10.51 -24.58
CA TYR A 124 13.44 9.70 -25.06
C TYR A 124 14.31 10.42 -26.08
N ASN A 125 15.59 10.49 -25.80
CA ASN A 125 16.58 11.17 -26.61
C ASN A 125 16.33 12.62 -26.87
N ARG A 126 15.59 13.23 -25.99
CA ARG A 126 15.32 14.66 -26.05
C ARG A 126 15.73 15.30 -24.73
N THR A 127 15.86 16.62 -24.72
CA THR A 127 16.28 17.32 -23.51
C THR A 127 15.63 18.70 -23.40
N ILE A 128 15.64 19.25 -22.18
CA ILE A 128 15.09 20.58 -21.93
C ILE A 128 16.15 21.51 -21.37
N PRO A 129 16.17 22.75 -21.85
CA PRO A 129 17.16 23.74 -21.42
C PRO A 129 16.98 24.14 -19.96
N VAL A 130 17.92 23.73 -19.11
CA VAL A 130 17.88 24.09 -17.70
C VAL A 130 18.95 25.13 -17.37
N ALA A 131 18.51 26.28 -16.90
CA ALA A 131 19.41 27.41 -16.65
C ALA A 131 20.06 27.31 -15.28
N LYS A 132 21.16 28.04 -15.11
CA LYS A 132 21.90 28.08 -13.85
C LYS A 132 21.00 28.29 -12.63
N HIS A 133 20.05 29.22 -12.76
CA HIS A 133 19.19 29.58 -11.63
C HIS A 133 17.75 29.13 -11.80
N ASP A 134 17.54 28.05 -12.54
CA ASP A 134 16.24 27.44 -12.65
C ASP A 134 15.87 26.75 -11.34
N ILE A 135 14.76 27.14 -10.75
CA ILE A 135 14.25 26.53 -9.52
C ILE A 135 13.06 25.64 -9.84
N PHE A 136 13.05 24.44 -9.30
CA PHE A 136 11.99 23.49 -9.62
C PHE A 136 10.94 23.31 -8.53
N ILE A 137 9.68 23.26 -8.94
CA ILE A 137 8.56 22.98 -8.05
C ILE A 137 7.91 21.68 -8.47
N ALA A 138 8.00 20.66 -7.61
CA ALA A 138 7.48 19.34 -7.93
C ALA A 138 6.07 19.16 -7.38
N THR A 139 5.34 18.22 -7.98
CA THR A 139 4.00 17.88 -7.53
C THR A 139 3.89 16.37 -7.26
N ALA A 140 3.56 15.61 -8.31
CA ALA A 140 3.54 14.15 -8.20
C ALA A 140 4.93 13.63 -7.85
N TRP A 141 5.00 12.52 -7.12
CA TRP A 141 6.28 12.02 -6.60
C TRP A 141 7.35 11.83 -7.68
N TRP A 142 6.94 11.40 -8.87
CA TRP A 142 7.90 11.16 -9.94
C TRP A 142 8.44 12.46 -10.54
N THR A 143 7.71 13.56 -10.37
CA THR A 143 8.22 14.86 -10.77
C THR A 143 9.29 15.35 -9.80
N ALA A 144 9.11 15.05 -8.51
CA ALA A 144 10.12 15.35 -7.50
C ALA A 144 11.34 14.45 -7.70
N TYR A 145 11.07 13.19 -8.03
CA TYR A 145 12.12 12.23 -8.33
C TYR A 145 13.04 12.79 -9.41
N ALA A 146 12.44 13.32 -10.47
CA ALA A 146 13.21 13.89 -11.58
C ALA A 146 13.89 15.19 -11.17
N ALA A 147 13.15 16.08 -10.52
CA ALA A 147 13.69 17.35 -10.05
C ALA A 147 14.97 17.15 -9.24
N GLN A 148 14.95 16.21 -8.32
CA GLN A 148 16.09 15.95 -7.44
C GLN A 148 17.32 15.51 -8.24
N ARG A 149 17.09 14.84 -9.36
CA ARG A 149 18.19 14.41 -10.23
C ARG A 149 18.65 15.53 -11.17
N ILE A 150 17.73 16.42 -11.54
CA ILE A 150 18.10 17.58 -12.33
C ILE A 150 18.96 18.55 -11.51
N VAL A 151 18.61 18.69 -10.24
CA VAL A 151 19.37 19.55 -9.33
C VAL A 151 20.82 19.08 -9.21
N SER A 152 21.00 17.77 -9.15
CA SER A 152 22.34 17.20 -9.05
C SER A 152 23.13 17.45 -10.34
N TRP A 153 22.49 17.21 -11.47
CA TRP A 153 23.09 17.53 -12.76
C TRP A 153 23.42 19.01 -12.86
N GLN A 154 22.55 19.83 -12.31
CA GLN A 154 22.68 21.29 -12.38
C GLN A 154 23.92 21.77 -11.64
N SER A 155 24.09 21.31 -10.41
CA SER A 155 25.20 21.76 -9.58
C SER A 155 26.55 21.25 -10.08
N ASP A 156 26.55 20.10 -10.75
CA ASP A 156 27.78 19.57 -11.33
C ASP A 156 28.15 20.35 -12.58
N THR A 157 27.13 20.64 -13.40
CA THR A 157 27.32 21.31 -14.67
C THR A 157 27.76 22.75 -14.49
N TYR A 158 27.12 23.47 -13.58
CA TYR A 158 27.38 24.90 -13.41
C TYR A 158 28.31 25.17 -12.23
N GLY A 159 28.79 24.11 -11.59
CA GLY A 159 29.67 24.25 -10.45
C GLY A 159 29.08 25.15 -9.37
N ILE A 160 27.86 24.85 -8.96
CA ILE A 160 27.22 25.58 -7.87
C ILE A 160 26.72 24.60 -6.82
N PRO A 161 26.50 25.09 -5.58
CA PRO A 161 25.84 24.24 -4.59
C PRO A 161 24.39 24.00 -5.00
N PRO A 162 23.82 22.86 -4.62
CA PRO A 162 22.45 22.50 -5.01
C PRO A 162 21.44 23.59 -4.68
N ASN A 163 20.57 23.91 -5.62
CA ASN A 163 19.45 24.81 -5.36
C ASN A 163 18.32 24.11 -4.60
N LYS A 164 17.49 24.89 -3.93
CA LYS A 164 16.34 24.36 -3.20
C LYS A 164 15.27 23.89 -4.17
N ILE A 165 14.66 22.75 -3.85
CA ILE A 165 13.48 22.30 -4.57
C ILE A 165 12.24 22.59 -3.74
N LEU A 166 11.19 23.06 -4.39
CA LEU A 166 9.91 23.24 -3.72
C LEU A 166 9.03 22.03 -4.05
N TYR A 167 8.56 21.37 -3.00
CA TYR A 167 7.82 20.11 -3.17
C TYR A 167 6.40 20.26 -2.62
N ILE A 168 5.43 20.30 -3.53
CA ILE A 168 4.03 20.38 -3.14
C ILE A 168 3.45 18.98 -2.91
N ILE A 169 3.30 18.61 -1.64
CA ILE A 169 2.89 17.26 -1.27
C ILE A 169 1.39 17.19 -0.99
N GLN A 170 0.66 16.51 -1.87
CA GLN A 170 -0.81 16.45 -1.80
C GLN A 170 -1.30 15.27 -0.96
N ASP A 171 -0.44 14.27 -0.79
CA ASP A 171 -0.81 13.06 -0.06
C ASP A 171 0.44 12.25 0.18
N PHE A 172 0.35 11.21 0.99
CA PHE A 172 1.45 10.26 1.14
C PHE A 172 1.40 9.32 -0.06
N GLU A 173 2.02 9.75 -1.16
CA GLU A 173 1.86 9.07 -2.45
C GLU A 173 2.34 7.61 -2.52
N PRO A 174 3.25 7.21 -1.63
CA PRO A 174 3.55 5.76 -1.60
C PRO A 174 2.28 4.93 -1.37
N GLY A 175 1.31 5.52 -0.67
CA GLY A 175 0.06 4.84 -0.39
C GLY A 175 -0.74 4.53 -1.64
N PHE A 176 -0.32 5.10 -2.77
CA PHE A 176 -0.98 4.84 -4.06
C PHE A 176 -0.60 3.48 -4.61
N TYR A 177 0.34 2.83 -3.94
CA TYR A 177 0.84 1.54 -4.39
C TYR A 177 0.88 0.56 -3.25
N GLN A 178 0.83 -0.73 -3.58
CA GLN A 178 1.16 -1.77 -2.60
C GLN A 178 2.67 -1.74 -2.42
N TRP A 179 3.16 -2.33 -1.34
CA TRP A 179 4.59 -2.47 -1.16
C TRP A 179 5.19 -3.03 -2.45
N SER A 180 6.15 -2.30 -3.00
CA SER A 180 6.66 -2.59 -4.33
C SER A 180 7.71 -1.55 -4.71
N SER A 181 8.19 -1.63 -5.95
CA SER A 181 9.19 -0.69 -6.43
C SER A 181 8.66 0.75 -6.40
N GLN A 182 7.50 0.97 -7.01
CA GLN A 182 6.88 2.29 -7.01
C GLN A 182 6.79 2.87 -5.60
N TYR A 183 6.38 2.03 -4.65
CA TYR A 183 6.22 2.45 -3.26
C TYR A 183 7.49 3.08 -2.69
N VAL A 184 8.60 2.37 -2.79
CA VAL A 184 9.86 2.85 -2.22
C VAL A 184 10.47 4.00 -3.03
N LEU A 185 10.26 3.99 -4.34
CA LEU A 185 10.71 5.10 -5.17
C LEU A 185 9.97 6.37 -4.80
N ALA A 186 8.65 6.26 -4.68
CA ALA A 186 7.82 7.38 -4.27
C ALA A 186 8.28 7.90 -2.91
N GLU A 187 8.53 6.99 -1.98
CA GLU A 187 8.96 7.39 -0.65
C GLU A 187 10.38 7.97 -0.65
N SER A 188 11.23 7.47 -1.54
CA SER A 188 12.61 7.94 -1.59
C SER A 188 12.69 9.45 -1.83
N THR A 189 11.64 10.01 -2.44
CA THR A 189 11.61 11.45 -2.70
C THR A 189 11.48 12.25 -1.40
N TYR A 190 10.98 11.59 -0.36
CA TYR A 190 10.86 12.22 0.95
C TYR A 190 12.15 12.10 1.76
N LYS A 191 12.99 11.15 1.39
CA LYS A 191 14.21 10.86 2.12
C LYS A 191 15.40 11.58 1.47
N TYR A 192 15.13 12.25 0.36
CA TYR A 192 16.11 13.09 -0.30
C TYR A 192 16.76 14.02 0.73
N ARG A 193 18.09 14.09 0.71
CA ARG A 193 18.83 14.83 1.73
C ARG A 193 19.32 16.19 1.26
N GLY A 194 19.03 16.54 0.00
CA GLY A 194 19.36 17.85 -0.51
C GLY A 194 18.38 18.89 -0.01
N PRO A 195 18.66 20.17 -0.30
CA PRO A 195 17.78 21.26 0.13
C PRO A 195 16.40 21.10 -0.48
N GLN A 196 15.37 21.00 0.35
CA GLN A 196 14.02 20.78 -0.15
C GLN A 196 12.98 21.35 0.82
N ILE A 197 12.05 22.13 0.28
CA ILE A 197 10.98 22.70 1.08
C ILE A 197 9.67 21.98 0.81
N ALA A 198 9.04 21.47 1.85
CA ALA A 198 7.76 20.79 1.71
C ALA A 198 6.61 21.75 1.96
N VAL A 199 5.64 21.76 1.05
CA VAL A 199 4.39 22.45 1.27
C VAL A 199 3.26 21.42 1.28
N PHE A 200 2.75 21.11 2.47
CA PHE A 200 1.78 20.05 2.64
C PHE A 200 0.36 20.51 2.41
N ASN A 201 -0.41 19.71 1.68
CA ASN A 201 -1.84 19.93 1.60
C ASN A 201 -2.50 19.42 2.88
N SER A 202 -2.87 20.36 3.75
CA SER A 202 -3.49 20.08 5.05
C SER A 202 -2.46 19.84 6.14
N GLU A 203 -2.80 20.26 7.36
CA GLU A 203 -1.93 20.04 8.51
C GLU A 203 -1.91 18.57 8.94
N LEU A 204 -3.02 17.87 8.76
CA LEU A 204 -3.08 16.45 9.08
C LEU A 204 -2.00 15.69 8.33
N LEU A 205 -1.86 16.00 7.04
CA LEU A 205 -0.86 15.36 6.22
C LEU A 205 0.54 15.67 6.73
N LYS A 206 0.77 16.93 7.07
CA LYS A 206 2.05 17.36 7.61
C LYS A 206 2.41 16.56 8.86
N GLN A 207 1.49 16.52 9.81
CA GLN A 207 1.73 15.81 11.05
C GLN A 207 1.97 14.32 10.80
N TYR A 208 1.30 13.78 9.77
CA TYR A 208 1.51 12.39 9.39
C TYR A 208 2.96 12.16 8.98
N PHE A 209 3.49 13.06 8.16
CA PHE A 209 4.88 13.00 7.73
C PHE A 209 5.84 13.17 8.91
N ASN A 210 5.54 14.13 9.77
CA ASN A 210 6.35 14.35 10.98
C ASN A 210 6.44 13.09 11.85
N ASN A 211 5.32 12.41 12.02
CA ASN A 211 5.29 11.19 12.82
C ASN A 211 6.16 10.07 12.24
N LYS A 212 6.20 9.97 10.91
CA LYS A 212 7.00 8.94 10.27
C LYS A 212 8.47 9.35 10.21
N GLY A 213 8.75 10.57 10.66
CA GLY A 213 10.12 11.03 10.80
C GLY A 213 10.80 11.51 9.54
N TYR A 214 10.03 12.04 8.60
CA TYR A 214 10.62 12.61 7.38
C TYR A 214 11.20 13.98 7.65
N ASN A 215 12.28 14.31 6.95
CA ASN A 215 12.96 15.59 7.15
C ASN A 215 13.02 16.44 5.88
N PHE A 216 12.74 17.73 6.04
CA PHE A 216 12.82 18.68 4.95
C PHE A 216 13.52 19.94 5.44
N THR A 217 14.08 20.72 4.53
CA THR A 217 14.74 21.97 4.90
C THR A 217 13.76 22.91 5.59
N ASP A 218 12.53 22.95 5.08
CA ASP A 218 11.47 23.76 5.70
C ASP A 218 10.13 23.08 5.48
N GLU A 219 9.16 23.38 6.34
CA GLU A 219 7.82 22.81 6.19
C GLU A 219 6.74 23.87 6.27
N TYR A 220 5.87 23.88 5.26
CA TYR A 220 4.69 24.72 5.26
C TYR A 220 3.49 23.84 4.97
N PHE A 221 2.30 24.41 5.13
CA PHE A 221 1.07 23.72 4.75
C PHE A 221 -0.05 24.72 4.54
N PHE A 222 -1.05 24.31 3.78
CA PHE A 222 -2.25 25.12 3.60
C PHE A 222 -3.47 24.29 4.01
N GLN A 223 -4.30 24.87 4.87
CA GLN A 223 -5.50 24.18 5.36
C GLN A 223 -6.60 24.18 4.31
N PRO A 224 -7.46 23.15 4.34
CA PRO A 224 -8.62 23.08 3.44
C PRO A 224 -9.51 24.30 3.59
N LYS A 225 -10.02 24.82 2.48
CA LYS A 225 -10.91 25.96 2.50
C LYS A 225 -12.13 25.66 1.63
N ILE A 226 -13.32 25.98 2.16
CA ILE A 226 -14.56 25.66 1.47
C ILE A 226 -14.57 26.21 0.04
N ASN A 227 -15.01 25.38 -0.91
CA ASN A 227 -15.16 25.80 -2.29
C ASN A 227 -15.94 27.10 -2.38
N THR A 228 -15.38 28.08 -3.05
CA THR A 228 -15.93 29.43 -3.06
C THR A 228 -17.36 29.49 -3.63
N THR A 229 -17.62 28.71 -4.69
CA THR A 229 -18.97 28.62 -5.24
C THR A 229 -19.94 28.07 -4.20
N LEU A 230 -19.55 26.97 -3.55
CA LEU A 230 -20.40 26.33 -2.55
C LEU A 230 -20.72 27.26 -1.39
N LYS A 231 -19.76 28.09 -1.00
CA LYS A 231 -19.94 28.98 0.13
C LYS A 231 -21.11 29.95 -0.08
N ASN A 232 -21.43 30.21 -1.35
CA ASN A 232 -22.51 31.15 -1.67
C ASN A 232 -23.89 30.58 -1.36
N TYR A 233 -23.96 29.28 -1.11
CA TYR A 233 -25.24 28.62 -0.86
C TYR A 233 -25.36 28.14 0.58
N ILE A 234 -24.27 28.26 1.35
CA ILE A 234 -24.22 27.69 2.69
C ILE A 234 -25.25 28.31 3.64
N ASN A 235 -25.78 29.47 3.28
CA ASN A 235 -26.75 30.16 4.12
C ASN A 235 -28.19 30.00 3.67
N ASP A 236 -28.36 29.47 2.46
CA ASP A 236 -29.69 29.18 1.94
C ASP A 236 -30.48 28.32 2.91
N LYS A 237 -31.81 28.42 2.83
CA LYS A 237 -32.68 27.59 3.64
C LYS A 237 -32.68 26.17 3.10
N ARG A 238 -32.74 25.19 3.99
CA ARG A 238 -32.60 23.78 3.61
C ARG A 238 -33.87 22.97 3.88
N GLN A 239 -34.37 22.30 2.84
CA GLN A 239 -35.53 21.44 2.97
C GLN A 239 -35.10 19.98 2.92
N LYS A 240 -34.60 19.48 4.05
CA LYS A 240 -34.00 18.15 4.11
C LYS A 240 -34.96 17.05 3.68
N GLU A 241 -34.49 16.16 2.81
CA GLU A 241 -35.26 15.00 2.39
C GLU A 241 -34.53 13.74 2.83
N LYS A 242 -35.21 12.60 2.74
CA LYS A 242 -34.60 11.34 3.11
C LYS A 242 -33.66 10.86 2.00
N ILE A 243 -32.50 11.48 1.91
CA ILE A 243 -31.52 11.16 0.89
C ILE A 243 -30.18 10.78 1.52
N ILE A 244 -29.66 9.61 1.14
CA ILE A 244 -28.31 9.24 1.51
C ILE A 244 -27.39 9.56 0.34
N LEU A 245 -26.50 10.52 0.56
CA LEU A 245 -25.60 11.01 -0.47
C LEU A 245 -24.23 10.31 -0.36
N VAL A 246 -23.82 9.67 -1.45
CA VAL A 246 -22.58 8.90 -1.46
C VAL A 246 -21.53 9.50 -2.39
N TYR A 247 -20.32 9.71 -1.87
CA TYR A 247 -19.20 10.11 -2.70
C TYR A 247 -18.60 8.89 -3.38
N GLY A 248 -19.08 8.59 -4.58
CA GLY A 248 -18.66 7.39 -5.29
C GLY A 248 -17.68 7.65 -6.40
N ARG A 249 -16.46 7.15 -6.21
CA ARG A 249 -15.44 7.25 -7.25
C ARG A 249 -14.72 5.92 -7.39
N PRO A 250 -15.26 5.04 -8.24
CA PRO A 250 -14.69 3.71 -8.47
C PRO A 250 -13.22 3.74 -8.85
N SER A 251 -12.81 4.80 -9.54
CA SER A 251 -11.45 4.85 -10.08
C SER A 251 -10.42 5.33 -9.05
N VAL A 252 -10.90 5.95 -7.98
CA VAL A 252 -10.01 6.41 -6.93
C VAL A 252 -10.11 5.50 -5.70
N LYS A 253 -9.19 4.54 -5.61
CA LYS A 253 -9.24 3.52 -4.57
C LYS A 253 -9.30 4.08 -3.16
N ARG A 254 -8.64 5.20 -2.92
CA ARG A 254 -8.65 5.86 -1.62
C ARG A 254 -10.07 6.19 -1.14
N ASN A 255 -11.01 6.24 -2.08
CA ASN A 255 -12.40 6.55 -1.75
C ASN A 255 -13.25 5.31 -1.45
N ALA A 256 -12.62 4.14 -1.52
CA ALA A 256 -13.23 2.87 -1.12
C ALA A 256 -14.67 2.70 -1.61
N PHE A 257 -14.86 2.83 -2.91
CA PHE A 257 -16.19 2.70 -3.52
C PHE A 257 -16.83 1.33 -3.26
N THR A 258 -16.07 0.26 -3.46
CA THR A 258 -16.59 -1.09 -3.30
C THR A 258 -16.96 -1.41 -1.85
N LEU A 259 -16.20 -0.86 -0.91
CA LEU A 259 -16.51 -1.04 0.51
C LEU A 259 -17.85 -0.40 0.83
N ILE A 260 -18.12 0.75 0.23
CA ILE A 260 -19.37 1.48 0.44
C ILE A 260 -20.56 0.71 -0.12
N VAL A 261 -20.41 0.19 -1.33
CA VAL A 261 -21.46 -0.61 -1.96
C VAL A 261 -21.84 -1.81 -1.11
N GLU A 262 -20.84 -2.58 -0.67
CA GLU A 262 -21.07 -3.72 0.20
C GLU A 262 -21.81 -3.31 1.47
N ALA A 263 -21.44 -2.16 2.02
CA ALA A 263 -22.09 -1.66 3.21
C ALA A 263 -23.55 -1.33 2.94
N LEU A 264 -23.82 -0.73 1.78
CA LEU A 264 -25.17 -0.37 1.39
C LEU A 264 -26.05 -1.60 1.23
N LYS A 265 -25.49 -2.66 0.65
CA LYS A 265 -26.24 -3.89 0.44
C LYS A 265 -26.72 -4.48 1.76
N ILE A 266 -25.84 -4.52 2.76
CA ILE A 266 -26.21 -4.98 4.08
C ILE A 266 -27.27 -4.08 4.69
N PHE A 267 -27.12 -2.77 4.49
CA PHE A 267 -28.06 -1.78 5.02
C PHE A 267 -29.46 -2.00 4.44
N VAL A 268 -29.54 -2.24 3.14
CA VAL A 268 -30.82 -2.45 2.48
C VAL A 268 -31.50 -3.72 2.98
N GLN A 269 -30.71 -4.71 3.35
CA GLN A 269 -31.23 -5.98 3.83
C GLN A 269 -31.64 -5.96 5.29
N LYS A 270 -30.84 -5.32 6.13
CA LYS A 270 -31.10 -5.34 7.57
C LYS A 270 -32.06 -4.26 8.03
N TYR A 271 -32.17 -3.18 7.26
CA TYR A 271 -33.03 -2.06 7.65
C TYR A 271 -34.38 -2.14 6.95
N ASP A 272 -35.44 -2.32 7.75
CA ASP A 272 -36.79 -2.50 7.22
C ASP A 272 -37.40 -1.19 6.72
N ARG A 273 -36.88 -0.06 7.17
CA ARG A 273 -37.39 1.23 6.72
C ARG A 273 -36.54 1.80 5.58
N SER A 274 -35.70 0.96 4.98
CA SER A 274 -34.77 1.41 3.95
C SER A 274 -35.50 1.90 2.69
N ASN A 275 -36.70 1.38 2.47
CA ASN A 275 -37.48 1.78 1.30
C ASN A 275 -37.88 3.25 1.34
N GLU A 276 -37.77 3.84 2.54
CA GLU A 276 -38.10 5.25 2.74
C GLU A 276 -36.99 6.16 2.21
N TRP A 277 -35.84 5.58 1.87
CA TRP A 277 -34.67 6.37 1.54
C TRP A 277 -34.22 6.32 0.07
N LYS A 278 -33.78 7.46 -0.44
CA LYS A 278 -33.11 7.50 -1.74
C LYS A 278 -31.60 7.49 -1.52
N ILE A 279 -30.91 6.68 -2.32
CA ILE A 279 -29.45 6.57 -2.20
C ILE A 279 -28.78 7.02 -3.49
N ILE A 280 -28.10 8.17 -3.42
CA ILE A 280 -27.54 8.79 -4.61
C ILE A 280 -26.01 8.85 -4.55
N SER A 281 -25.38 8.65 -5.70
CA SER A 281 -23.93 8.71 -5.82
C SER A 281 -23.49 9.91 -6.66
N VAL A 282 -22.50 10.64 -6.18
CA VAL A 282 -21.94 11.77 -6.92
C VAL A 282 -20.41 11.74 -6.89
N GLY A 283 -19.79 12.38 -7.89
CA GLY A 283 -18.35 12.48 -7.95
C GLY A 283 -17.77 11.95 -9.25
N GLU A 284 -18.16 10.74 -9.63
CA GLU A 284 -17.68 10.11 -10.84
C GLU A 284 -18.76 9.20 -11.41
N LYS A 285 -19.03 9.37 -12.70
CA LYS A 285 -20.11 8.63 -13.33
C LYS A 285 -19.87 7.12 -13.34
N HIS A 286 -20.85 6.37 -12.88
CA HIS A 286 -20.81 4.91 -12.97
C HIS A 286 -22.23 4.38 -13.19
N LYS A 287 -22.34 3.11 -13.56
CA LYS A 287 -23.65 2.51 -13.80
C LYS A 287 -24.40 2.41 -12.49
N ASP A 288 -25.73 2.46 -12.56
CA ASP A 288 -26.54 2.27 -11.36
C ASP A 288 -26.30 0.87 -10.81
N ILE A 289 -26.25 0.76 -9.48
CA ILE A 289 -25.95 -0.51 -8.84
C ILE A 289 -27.09 -1.02 -7.96
N ALA A 290 -27.57 -2.22 -8.26
CA ALA A 290 -28.66 -2.83 -7.50
C ALA A 290 -28.21 -3.21 -6.10
N LEU A 291 -28.94 -2.72 -5.10
CA LEU A 291 -28.59 -2.98 -3.71
C LEU A 291 -29.51 -4.04 -3.09
N GLY A 292 -30.63 -4.32 -3.75
CA GLY A 292 -31.62 -5.24 -3.23
C GLY A 292 -32.93 -4.53 -2.92
N LYS A 293 -34.00 -5.33 -2.81
CA LYS A 293 -35.33 -4.78 -2.53
C LYS A 293 -35.76 -3.74 -3.58
N GLY A 294 -35.22 -3.87 -4.78
CA GLY A 294 -35.56 -2.96 -5.86
C GLY A 294 -34.90 -1.60 -5.72
N ILE A 295 -34.14 -1.42 -4.63
CA ILE A 295 -33.43 -0.17 -4.40
C ILE A 295 -32.12 -0.14 -5.18
N HIS A 296 -31.78 1.01 -5.73
CA HIS A 296 -30.56 1.16 -6.52
C HIS A 296 -29.70 2.32 -6.04
N LEU A 297 -28.38 2.17 -6.17
CA LEU A 297 -27.47 3.30 -6.01
C LEU A 297 -27.44 4.05 -7.33
N ASN A 298 -28.03 5.25 -7.33
CA ASN A 298 -28.16 6.04 -8.55
C ASN A 298 -27.01 7.02 -8.72
N SER A 299 -26.30 6.89 -9.84
CA SER A 299 -25.15 7.74 -10.12
C SER A 299 -25.54 9.01 -10.85
N LEU A 300 -25.16 10.16 -10.29
CA LEU A 300 -25.34 11.44 -10.96
C LEU A 300 -24.03 11.94 -11.57
N GLY A 301 -22.98 11.12 -11.45
CA GLY A 301 -21.67 11.52 -11.94
C GLY A 301 -21.18 12.76 -11.21
N LYS A 302 -20.41 13.59 -11.92
CA LYS A 302 -19.91 14.82 -11.33
C LYS A 302 -20.81 16.00 -11.68
N LEU A 303 -21.52 16.50 -10.68
CA LEU A 303 -22.44 17.62 -10.88
C LEU A 303 -21.68 18.93 -10.97
N THR A 304 -22.31 19.94 -11.54
CA THR A 304 -21.78 21.30 -11.46
C THR A 304 -21.78 21.69 -9.98
N LEU A 305 -20.92 22.62 -9.61
CA LEU A 305 -20.88 23.06 -8.22
C LEU A 305 -22.24 23.59 -7.76
N GLU A 306 -23.00 24.12 -8.70
CA GLU A 306 -24.34 24.65 -8.39
C GLU A 306 -25.31 23.52 -8.05
N ASP A 307 -25.40 22.53 -8.93
CA ASP A 307 -26.27 21.38 -8.70
C ASP A 307 -25.85 20.61 -7.45
N TYR A 308 -24.54 20.43 -7.31
CA TYR A 308 -23.97 19.79 -6.15
C TYR A 308 -24.42 20.52 -4.88
N ALA A 309 -24.35 21.85 -4.91
CA ALA A 309 -24.80 22.66 -3.79
C ALA A 309 -26.26 22.40 -3.45
N ASP A 310 -27.10 22.35 -4.49
CA ASP A 310 -28.52 22.10 -4.30
C ASP A 310 -28.76 20.73 -3.67
N LEU A 311 -28.09 19.72 -4.21
CA LEU A 311 -28.21 18.36 -3.71
C LEU A 311 -27.78 18.27 -2.25
N LEU A 312 -26.73 19.01 -1.88
CA LEU A 312 -26.25 19.02 -0.51
C LEU A 312 -27.32 19.57 0.45
N LYS A 313 -27.98 20.65 0.02
CA LYS A 313 -29.01 21.28 0.83
C LYS A 313 -30.18 20.33 1.12
N ARG A 314 -30.49 19.47 0.17
CA ARG A 314 -31.63 18.55 0.31
C ARG A 314 -31.28 17.27 1.06
N SER A 315 -30.01 16.88 1.03
CA SER A 315 -29.59 15.58 1.58
C SER A 315 -29.41 15.60 3.11
N SER A 316 -29.65 14.47 3.75
CA SER A 316 -29.63 14.38 5.21
C SER A 316 -28.49 13.53 5.75
N ILE A 317 -28.11 12.50 5.00
CA ILE A 317 -27.01 11.63 5.41
C ILE A 317 -25.97 11.56 4.30
N GLY A 318 -24.69 11.56 4.69
CA GLY A 318 -23.61 11.45 3.73
C GLY A 318 -22.63 10.34 4.05
N ILE A 319 -22.05 9.75 3.01
CA ILE A 319 -20.99 8.77 3.17
C ILE A 319 -19.82 9.15 2.27
N SER A 320 -18.68 9.44 2.88
CA SER A 320 -17.50 9.85 2.13
C SER A 320 -16.26 9.31 2.84
N LEU A 321 -15.54 8.42 2.17
CA LEU A 321 -14.38 7.78 2.79
C LEU A 321 -13.08 8.25 2.14
N MET A 322 -12.02 8.26 2.94
CA MET A 322 -10.72 8.71 2.47
C MET A 322 -9.64 7.92 3.18
N ILE A 323 -9.16 6.85 2.53
CA ILE A 323 -8.13 6.02 3.14
C ILE A 323 -6.79 6.72 3.01
N SER A 324 -6.50 7.59 3.97
CA SER A 324 -5.34 8.48 3.90
C SER A 324 -5.43 9.48 5.06
N PRO A 325 -4.27 10.00 5.51
CA PRO A 325 -4.31 10.97 6.61
C PRO A 325 -5.06 12.21 6.17
N HIS A 326 -5.02 12.51 4.87
CA HIS A 326 -5.73 13.67 4.34
C HIS A 326 -7.24 13.53 4.57
N PRO A 327 -7.90 14.63 4.92
CA PRO A 327 -9.33 14.61 5.26
C PRO A 327 -10.24 14.49 4.04
N SER A 328 -9.77 14.98 2.90
CA SER A 328 -10.58 15.12 1.68
C SER A 328 -11.68 16.16 1.89
N TYR A 329 -12.30 16.62 0.82
CA TYR A 329 -13.20 17.77 0.89
C TYR A 329 -14.67 17.44 1.11
N PRO A 330 -15.22 16.46 0.35
CA PRO A 330 -16.64 16.13 0.48
C PRO A 330 -17.15 15.91 1.91
N PRO A 331 -16.41 15.17 2.75
CA PRO A 331 -16.87 15.02 4.13
C PRO A 331 -17.07 16.36 4.82
N LEU A 332 -16.16 17.30 4.55
CA LEU A 332 -16.22 18.63 5.16
C LEU A 332 -17.36 19.44 4.56
N GLU A 333 -17.50 19.37 3.24
CA GLU A 333 -18.60 20.05 2.55
C GLU A 333 -19.96 19.55 3.03
N MET A 334 -20.11 18.23 3.15
CA MET A 334 -21.36 17.63 3.60
C MET A 334 -21.71 18.09 5.03
N ALA A 335 -20.73 18.08 5.91
CA ALA A 335 -20.96 18.45 7.30
C ALA A 335 -21.48 19.89 7.41
N HIS A 336 -20.93 20.78 6.59
CA HIS A 336 -21.29 22.18 6.64
C HIS A 336 -22.61 22.49 5.95
N PHE A 337 -23.20 21.48 5.33
CA PHE A 337 -24.51 21.62 4.71
C PHE A 337 -25.61 20.92 5.49
N GLY A 338 -25.29 20.50 6.71
CA GLY A 338 -26.27 19.92 7.61
C GLY A 338 -26.49 18.42 7.50
N LEU A 339 -25.60 17.73 6.78
CA LEU A 339 -25.67 16.28 6.70
C LEU A 339 -24.94 15.64 7.86
N ARG A 340 -25.48 14.52 8.33
CA ARG A 340 -24.74 13.64 9.20
C ARG A 340 -23.84 12.81 8.29
N VAL A 341 -22.53 12.91 8.50
CA VAL A 341 -21.59 12.31 7.57
C VAL A 341 -20.84 11.12 8.17
N ILE A 342 -20.89 10.00 7.48
CA ILE A 342 -20.07 8.84 7.85
C ILE A 342 -18.73 8.89 7.13
N THR A 343 -17.64 8.90 7.90
CA THR A 343 -16.30 8.90 7.32
C THR A 343 -15.39 8.02 8.16
N ASN A 344 -14.10 7.95 7.82
CA ASN A 344 -13.21 7.00 8.49
C ASN A 344 -12.03 7.67 9.17
N LYS A 345 -11.62 7.09 10.29
CA LYS A 345 -10.35 7.45 10.90
C LYS A 345 -9.22 6.93 10.03
N TYR A 346 -8.07 7.59 10.10
CA TYR A 346 -6.84 7.03 9.58
C TYR A 346 -5.66 7.62 10.33
N GLU A 347 -4.97 6.77 11.08
CA GLU A 347 -3.83 7.20 11.88
C GLU A 347 -4.21 8.42 12.71
N ASN A 348 -3.55 9.54 12.41
CA ASN A 348 -3.76 10.78 13.17
C ASN A 348 -5.04 11.52 12.82
N LYS A 349 -5.71 11.10 11.74
CA LYS A 349 -6.95 11.75 11.34
C LYS A 349 -8.19 11.20 12.04
N ASP A 350 -8.94 12.08 12.69
CA ASP A 350 -10.24 11.74 13.25
C ASP A 350 -11.13 12.98 13.15
N LEU A 351 -11.90 13.06 12.07
CA LEU A 351 -12.72 14.24 11.79
C LEU A 351 -13.91 14.41 12.74
N SER A 352 -14.09 13.48 13.67
CA SER A 352 -15.24 13.55 14.57
C SER A 352 -15.18 14.78 15.48
N ASN A 353 -13.97 15.19 15.83
CA ASN A 353 -13.79 16.37 16.69
C ASN A 353 -13.56 17.65 15.89
N TRP A 354 -13.70 17.57 14.57
CA TRP A 354 -13.65 18.76 13.72
C TRP A 354 -15.03 19.40 13.65
N HIS A 355 -16.06 18.57 13.69
CA HIS A 355 -17.42 19.03 13.46
C HIS A 355 -18.41 18.02 14.03
N SER A 356 -19.49 18.50 14.65
CA SER A 356 -20.44 17.63 15.31
C SER A 356 -21.23 16.74 14.34
N ASN A 357 -21.38 17.20 13.10
CA ASN A 357 -22.10 16.43 12.09
C ASN A 357 -21.32 15.23 11.57
N ILE A 358 -20.04 15.16 11.91
CA ILE A 358 -19.18 14.12 11.40
C ILE A 358 -19.11 12.90 12.31
N VAL A 359 -19.49 11.75 11.77
CA VAL A 359 -19.37 10.47 12.46
C VAL A 359 -18.16 9.72 11.94
N SER A 360 -17.20 9.44 12.81
CA SER A 360 -15.96 8.79 12.40
C SER A 360 -15.90 7.34 12.89
N LEU A 361 -15.85 6.40 11.94
CA LEU A 361 -15.73 4.98 12.25
C LEU A 361 -14.27 4.52 12.36
N GLU A 362 -13.94 3.84 13.45
CA GLU A 362 -12.59 3.30 13.61
C GLU A 362 -12.46 1.92 12.98
N GLN A 363 -13.43 1.05 13.26
CA GLN A 363 -13.49 -0.26 12.64
C GLN A 363 -14.21 -0.14 11.31
N LEU A 364 -13.47 -0.25 10.21
CA LEU A 364 -14.04 0.01 8.90
C LEU A 364 -14.38 -1.26 8.13
N ASN A 365 -15.65 -1.66 8.19
CA ASN A 365 -16.15 -2.80 7.45
C ASN A 365 -17.63 -2.59 7.08
N PRO A 366 -18.14 -3.39 6.14
CA PRO A 366 -19.52 -3.19 5.68
C PRO A 366 -20.55 -3.19 6.80
N GLU A 367 -20.38 -4.09 7.78
CA GLU A 367 -21.36 -4.22 8.87
C GLU A 367 -21.47 -2.96 9.71
N ASN A 368 -20.33 -2.38 10.08
CA ASN A 368 -20.33 -1.18 10.92
C ASN A 368 -20.90 0.03 10.19
N ILE A 369 -20.54 0.19 8.93
CA ILE A 369 -21.08 1.26 8.13
C ILE A 369 -22.60 1.11 8.01
N ALA A 370 -23.05 -0.12 7.78
CA ALA A 370 -24.48 -0.40 7.71
C ALA A 370 -25.16 -0.08 9.04
N GLU A 371 -24.56 -0.53 10.12
CA GLU A 371 -25.13 -0.33 11.45
C GLU A 371 -25.23 1.17 11.78
N THR A 372 -24.12 1.89 11.61
CA THR A 372 -24.09 3.33 11.81
C THR A 372 -25.17 3.99 10.95
N LEU A 373 -25.27 3.55 9.70
CA LEU A 373 -26.24 4.09 8.77
C LEU A 373 -27.67 3.93 9.29
N VAL A 374 -27.97 2.77 9.87
CA VAL A 374 -29.29 2.55 10.47
C VAL A 374 -29.55 3.52 11.61
N GLU A 375 -28.54 3.75 12.46
CA GLU A 375 -28.68 4.69 13.55
C GLU A 375 -29.00 6.08 13.02
N LEU A 376 -28.24 6.54 12.04
CA LEU A 376 -28.43 7.87 11.50
C LEU A 376 -29.82 8.02 10.88
N CYS A 377 -30.26 7.02 10.14
CA CYS A 377 -31.59 7.04 9.55
C CYS A 377 -32.66 7.17 10.63
N MET A 378 -32.53 6.38 11.69
CA MET A 378 -33.48 6.42 12.80
C MET A 378 -33.50 7.79 13.49
N SER A 379 -32.34 8.45 13.54
CA SER A 379 -32.24 9.75 14.21
C SER A 379 -32.87 10.86 13.39
N PHE A 380 -33.21 10.53 12.14
CA PHE A 380 -33.83 11.51 11.26
C PHE A 380 -35.28 11.72 11.68
N ASN A 381 -35.75 10.90 12.61
CA ASN A 381 -37.11 10.98 13.11
C ASN A 381 -38.14 10.79 12.00
N LYS A 388 -23.78 21.78 11.11
CA LYS A 388 -24.89 22.28 11.93
C LYS A 388 -24.43 22.80 13.28
N GLU A 389 -24.54 21.96 14.31
CA GLU A 389 -24.38 22.39 15.69
C GLU A 389 -22.99 22.94 16.05
N SER A 390 -22.03 22.05 16.28
CA SER A 390 -20.71 22.46 16.72
C SER A 390 -19.61 22.31 15.66
N SER A 391 -18.68 23.26 15.65
CA SER A 391 -17.56 23.23 14.72
C SER A 391 -16.26 23.66 15.40
N ASN A 392 -15.20 22.92 15.14
CA ASN A 392 -13.87 23.28 15.62
C ASN A 392 -12.90 23.42 14.45
N MET A 393 -13.46 23.74 13.29
CA MET A 393 -12.68 23.90 12.06
C MET A 393 -13.11 25.18 11.37
N MET A 394 -13.15 26.27 12.14
CA MET A 394 -13.56 27.58 11.62
C MET A 394 -12.71 28.01 10.43
N PHE A 395 -11.42 27.67 10.46
CA PHE A 395 -10.51 28.02 9.38
C PHE A 395 -11.09 27.67 8.02
N TYR A 396 -11.95 26.66 7.99
CA TYR A 396 -12.48 26.13 6.74
C TYR A 396 -13.37 27.11 5.99
N ILE A 397 -14.04 27.99 6.73
CA ILE A 397 -14.96 28.95 6.11
C ILE A 397 -14.64 30.40 6.47
N ASN A 398 -13.39 30.66 6.86
CA ASN A 398 -13.00 32.00 7.30
C ASN A 398 -11.80 32.58 6.56
N GLU A 402 -4.80 31.71 2.19
CA GLU A 402 -4.31 30.42 2.62
C GLU A 402 -2.88 30.18 2.14
N PHE A 403 -2.45 31.03 1.21
CA PHE A 403 -1.09 30.97 0.70
C PHE A 403 -0.28 32.17 1.19
N SER A 404 -0.45 32.49 2.47
CA SER A 404 0.24 33.60 3.10
C SER A 404 1.74 33.34 3.23
N PHE A 405 2.14 32.08 3.05
CA PHE A 405 3.54 31.70 3.18
C PHE A 405 4.32 31.89 1.88
N ILE A 406 3.60 32.06 0.79
CA ILE A 406 4.23 32.18 -0.53
C ILE A 406 5.39 33.17 -0.54
N LYS A 407 5.14 34.37 -0.03
CA LYS A 407 6.16 35.41 -0.03
C LYS A 407 7.34 35.05 0.88
N GLU A 408 7.05 34.40 2.00
CA GLU A 408 8.12 33.93 2.88
C GLU A 408 8.98 32.89 2.16
N ILE A 409 8.36 32.14 1.26
CA ILE A 409 9.08 31.15 0.47
C ILE A 409 9.87 31.80 -0.66
N GLU A 410 9.30 32.85 -1.25
CA GLU A 410 9.96 33.57 -2.34
C GLU A 410 11.30 34.14 -1.91
N GLU A 411 11.44 34.45 -0.62
CA GLU A 411 12.68 35.01 -0.10
C GLU A 411 13.77 33.94 0.02
N LYS A 412 13.39 32.68 -0.12
CA LYS A 412 14.31 31.57 0.10
C LYS A 412 14.81 30.95 -1.19
N LEU A 413 14.42 31.52 -2.33
CA LEU A 413 14.83 31.01 -3.63
C LEU A 413 15.63 32.05 -4.41
N PHE B 26 -15.91 -2.38 -17.55
CA PHE B 26 -16.47 -3.10 -16.41
C PHE B 26 -15.96 -2.51 -15.11
N ILE B 27 -16.73 -2.72 -14.04
CA ILE B 27 -16.42 -2.14 -12.74
C ILE B 27 -16.74 -3.11 -11.61
N GLU B 28 -15.76 -3.33 -10.73
CA GLU B 28 -16.00 -4.15 -9.55
C GLU B 28 -16.94 -3.44 -8.60
N THR B 29 -18.04 -4.09 -8.26
CA THR B 29 -19.02 -3.51 -7.34
C THR B 29 -18.98 -4.24 -6.00
N SER B 30 -18.37 -5.43 -6.01
CA SER B 30 -18.24 -6.21 -4.78
C SER B 30 -16.78 -6.51 -4.49
N ILE B 31 -16.53 -7.12 -3.34
CA ILE B 31 -15.18 -7.44 -2.91
C ILE B 31 -15.05 -8.95 -2.71
N PRO B 32 -14.39 -9.62 -3.67
CA PRO B 32 -14.32 -11.08 -3.76
C PRO B 32 -13.80 -11.74 -2.48
N GLU B 33 -12.76 -11.16 -1.89
CA GLU B 33 -12.12 -11.74 -0.71
C GLU B 33 -13.09 -11.99 0.45
N ILE B 34 -14.18 -11.22 0.50
CA ILE B 34 -15.09 -11.31 1.64
C ILE B 34 -16.46 -11.92 1.30
N THR B 35 -16.51 -12.74 0.25
CA THR B 35 -17.68 -13.55 -0.02
C THR B 35 -18.08 -14.29 1.26
N PRO B 36 -19.39 -14.32 1.56
CA PRO B 36 -19.88 -14.89 2.82
C PRO B 36 -19.40 -16.33 3.07
N PHE B 37 -19.05 -16.60 4.32
CA PHE B 37 -18.57 -17.90 4.74
C PHE B 37 -19.65 -18.58 5.57
N ASN B 38 -20.69 -19.06 4.90
CA ASN B 38 -21.87 -19.61 5.58
C ASN B 38 -21.62 -20.89 6.36
N ALA B 39 -22.16 -20.94 7.58
CA ALA B 39 -22.02 -22.11 8.44
C ALA B 39 -23.38 -22.70 8.79
N ARG B 40 -23.38 -23.96 9.23
CA ARG B 40 -24.58 -24.61 9.73
C ARG B 40 -24.21 -25.40 10.99
N THR B 41 -25.19 -25.70 11.83
CA THR B 41 -24.92 -26.41 13.07
C THR B 41 -24.52 -27.87 12.86
N SER B 42 -23.76 -28.39 13.81
CA SER B 42 -23.27 -29.76 13.75
C SER B 42 -23.34 -30.39 15.13
N SER B 43 -23.51 -31.71 15.18
CA SER B 43 -23.69 -32.41 16.44
C SER B 43 -22.37 -32.87 17.07
N ILE B 44 -21.28 -32.76 16.33
CA ILE B 44 -19.95 -33.06 16.88
C ILE B 44 -19.77 -32.36 18.22
N LYS B 45 -19.24 -33.08 19.21
CA LYS B 45 -19.18 -32.55 20.56
C LYS B 45 -17.77 -32.32 21.11
N GLY B 46 -16.78 -32.98 20.53
CA GLY B 46 -15.41 -32.80 20.97
C GLY B 46 -14.84 -31.45 20.55
N LYS B 47 -13.65 -31.13 21.05
CA LYS B 47 -12.93 -29.94 20.61
C LYS B 47 -12.26 -30.21 19.28
N ARG B 48 -12.35 -29.26 18.36
CA ARG B 48 -11.78 -29.43 17.04
C ARG B 48 -11.09 -28.16 16.53
N LEU B 49 -9.87 -28.32 16.03
CA LEU B 49 -9.12 -27.21 15.47
C LEU B 49 -9.35 -27.15 13.96
N ASN B 50 -9.71 -25.97 13.47
CA ASN B 50 -9.98 -25.78 12.05
C ASN B 50 -9.00 -24.80 11.41
N LEU B 51 -8.19 -25.29 10.49
CA LEU B 51 -7.21 -24.44 9.82
C LEU B 51 -7.79 -23.86 8.54
N LEU B 52 -7.93 -22.53 8.50
CA LEU B 52 -8.41 -21.87 7.31
C LEU B 52 -7.23 -21.46 6.42
N VAL B 53 -7.06 -22.16 5.32
CA VAL B 53 -5.98 -21.86 4.38
C VAL B 53 -6.53 -21.77 2.96
N PRO B 54 -5.97 -20.84 2.16
CA PRO B 54 -6.38 -20.65 0.77
C PRO B 54 -6.22 -21.92 -0.05
N SER B 55 -5.16 -22.67 0.19
CA SER B 55 -4.86 -23.86 -0.61
C SER B 55 -3.81 -24.76 0.03
N ILE B 56 -3.82 -26.04 -0.36
CA ILE B 56 -2.78 -26.98 0.04
C ILE B 56 -2.08 -27.58 -1.17
N ASN B 57 -2.48 -27.15 -2.36
CA ASN B 57 -1.85 -27.59 -3.58
C ASN B 57 -0.34 -27.39 -3.54
N GLN B 58 0.43 -28.25 -4.20
CA GLN B 58 1.87 -28.11 -4.25
C GLN B 58 2.28 -26.80 -4.93
N GLU B 59 1.56 -26.45 -5.99
CA GLU B 59 1.79 -25.22 -6.72
C GLU B 59 1.81 -24.01 -5.78
N HIS B 60 1.02 -24.07 -4.71
CA HIS B 60 0.91 -22.96 -3.78
C HIS B 60 1.63 -23.24 -2.46
N MET B 61 2.24 -24.42 -2.37
CA MET B 61 2.89 -24.85 -1.13
C MET B 61 4.21 -24.11 -0.90
N PHE B 62 4.12 -22.79 -0.76
CA PHE B 62 5.30 -21.96 -0.53
C PHE B 62 5.02 -20.96 0.59
N GLY B 63 5.23 -19.68 0.29
CA GLY B 63 4.98 -18.60 1.23
C GLY B 63 4.76 -19.02 2.67
N GLY B 64 3.58 -18.68 3.19
CA GLY B 64 3.25 -18.98 4.58
C GLY B 64 2.28 -20.15 4.72
N ILE B 65 1.77 -20.63 3.59
CA ILE B 65 0.90 -21.80 3.58
C ILE B 65 1.60 -23.03 4.13
N SER B 66 2.90 -23.15 3.84
CA SER B 66 3.68 -24.27 4.34
C SER B 66 4.01 -24.10 5.82
N THR B 67 4.28 -22.86 6.21
CA THR B 67 4.59 -22.56 7.60
C THR B 67 3.37 -22.81 8.49
N ALA B 68 2.20 -22.41 8.01
CA ALA B 68 0.98 -22.62 8.77
C ALA B 68 0.71 -24.12 8.94
N LEU B 69 0.93 -24.90 7.89
CA LEU B 69 0.74 -26.34 7.95
C LEU B 69 1.73 -26.99 8.91
N LYS B 70 2.94 -26.43 8.96
CA LYS B 70 3.98 -26.91 9.86
C LYS B 70 3.56 -26.68 11.31
N LEU B 71 3.03 -25.49 11.57
CA LEU B 71 2.59 -25.10 12.90
C LEU B 71 1.34 -25.87 13.32
N PHE B 72 0.42 -26.07 12.37
CA PHE B 72 -0.81 -26.81 12.63
C PHE B 72 -0.49 -28.25 12.96
N GLU B 73 0.63 -28.72 12.43
CA GLU B 73 1.08 -30.10 12.63
C GLU B 73 1.45 -30.34 14.09
N GLN B 74 1.87 -29.26 14.76
CA GLN B 74 2.33 -29.32 16.14
C GLN B 74 1.22 -29.63 17.15
N PHE B 75 0.01 -29.14 16.88
CA PHE B 75 -1.09 -29.32 17.81
C PHE B 75 -1.39 -30.80 18.09
N ASP B 76 -1.68 -31.12 19.34
CA ASP B 76 -1.86 -32.50 19.78
C ASP B 76 -3.12 -33.13 19.19
N ASN B 77 -2.93 -34.01 18.21
CA ASN B 77 -4.06 -34.70 17.58
C ASN B 77 -4.76 -35.64 18.56
N ALA B 78 -4.15 -35.82 19.73
CA ALA B 78 -4.74 -36.66 20.76
C ALA B 78 -5.80 -35.88 21.54
N ALA B 79 -5.59 -34.59 21.67
CA ALA B 79 -6.52 -33.74 22.41
C ALA B 79 -7.44 -32.96 21.47
N PHE B 80 -7.16 -33.01 20.17
CA PHE B 80 -7.90 -32.24 19.20
C PHE B 80 -8.17 -32.99 17.88
N ALA B 81 -9.40 -32.92 17.41
CA ALA B 81 -9.71 -33.30 16.04
C ALA B 81 -9.20 -32.17 15.17
N LYS B 82 -8.84 -32.49 13.93
CA LYS B 82 -8.27 -31.48 13.04
C LYS B 82 -8.96 -31.47 11.69
N ARG B 83 -9.46 -30.31 11.30
CA ARG B 83 -10.05 -30.14 9.98
C ARG B 83 -9.40 -28.97 9.26
N ILE B 84 -8.96 -29.22 8.03
CA ILE B 84 -8.41 -28.17 7.18
C ILE B 84 -9.46 -27.73 6.18
N ILE B 85 -9.77 -26.44 6.18
CA ILE B 85 -10.77 -25.88 5.28
C ILE B 85 -10.09 -25.05 4.20
N LEU B 86 -10.23 -25.49 2.95
CA LEU B 86 -9.64 -24.79 1.81
C LEU B 86 -10.57 -23.68 1.34
N THR B 87 -10.07 -22.45 1.32
CA THR B 87 -10.94 -21.30 1.08
C THR B 87 -10.83 -20.72 -0.35
N ASP B 88 -9.80 -21.11 -1.09
CA ASP B 88 -9.56 -20.52 -2.40
C ASP B 88 -9.29 -21.50 -3.53
N ALA B 89 -8.55 -22.57 -3.24
CA ALA B 89 -8.17 -23.52 -4.28
C ALA B 89 -8.44 -24.98 -3.90
N THR B 90 -9.14 -25.69 -4.76
CA THR B 90 -9.37 -27.12 -4.57
C THR B 90 -8.16 -27.92 -5.05
N PRO B 91 -7.86 -29.03 -4.37
CA PRO B 91 -6.71 -29.88 -4.73
C PRO B 91 -7.03 -30.85 -5.86
N ASN B 92 -5.98 -31.41 -6.45
CA ASN B 92 -6.14 -32.54 -7.36
C ASN B 92 -5.53 -33.77 -6.69
N PRO B 93 -5.92 -34.99 -7.14
CA PRO B 93 -5.51 -36.23 -6.49
C PRO B 93 -4.05 -36.21 -6.02
N LYS B 94 -3.17 -35.65 -6.84
CA LYS B 94 -1.75 -35.57 -6.51
C LYS B 94 -1.52 -34.80 -5.20
N ASP B 95 -2.09 -33.60 -5.12
CA ASP B 95 -1.92 -32.74 -3.95
C ASP B 95 -2.32 -33.44 -2.64
N LEU B 96 -3.40 -34.21 -2.68
CA LEU B 96 -3.89 -34.89 -1.49
C LEU B 96 -2.95 -36.01 -1.04
N GLN B 97 -1.98 -36.35 -1.88
CA GLN B 97 -1.01 -37.39 -1.55
C GLN B 97 -0.15 -36.97 -0.35
N SER B 98 -0.05 -35.67 -0.13
CA SER B 98 0.75 -35.14 0.97
C SER B 98 -0.05 -35.15 2.26
N PHE B 99 -1.33 -35.49 2.16
CA PHE B 99 -2.23 -35.56 3.31
C PHE B 99 -2.99 -36.89 3.28
N LYS B 100 -2.25 -37.99 3.21
CA LYS B 100 -2.86 -39.30 3.08
C LYS B 100 -3.67 -39.71 4.30
N SER B 101 -3.27 -39.21 5.47
CA SER B 101 -3.96 -39.55 6.70
C SER B 101 -5.23 -38.73 6.89
N PHE B 102 -5.51 -37.83 5.94
CA PHE B 102 -6.68 -36.96 6.02
C PHE B 102 -7.84 -37.45 5.17
N LYS B 103 -9.02 -37.50 5.76
CA LYS B 103 -10.24 -37.84 5.04
C LYS B 103 -10.76 -36.62 4.27
N TYR B 104 -10.81 -36.73 2.95
CA TYR B 104 -11.29 -35.64 2.10
C TYR B 104 -12.81 -35.65 2.01
N VAL B 105 -13.45 -34.62 2.55
CA VAL B 105 -14.91 -34.61 2.71
C VAL B 105 -15.55 -33.34 2.13
N MET B 106 -16.75 -33.50 1.59
CA MET B 106 -17.49 -32.37 1.01
C MET B 106 -18.21 -31.57 2.09
N PRO B 107 -18.42 -30.27 1.83
CA PRO B 107 -19.07 -29.37 2.78
C PRO B 107 -20.45 -29.89 3.22
N GLU B 108 -21.11 -30.63 2.35
CA GLU B 108 -22.48 -31.08 2.60
C GLU B 108 -22.54 -32.25 3.57
N GLU B 109 -21.41 -32.93 3.75
CA GLU B 109 -21.34 -34.03 4.70
C GLU B 109 -21.00 -33.51 6.09
N ASP B 110 -21.24 -34.32 7.11
CA ASP B 110 -20.98 -33.90 8.48
C ASP B 110 -20.40 -35.07 9.28
N LYS B 111 -19.27 -35.58 8.84
CA LYS B 111 -18.61 -36.71 9.49
C LYS B 111 -17.79 -36.23 10.69
N ASP B 112 -17.59 -37.12 11.66
CA ASP B 112 -16.77 -36.79 12.81
C ASP B 112 -15.43 -37.50 12.80
N PHE B 113 -14.72 -37.40 11.68
CA PHE B 113 -13.38 -37.97 11.58
C PHE B 113 -12.40 -37.19 12.44
N ALA B 114 -11.28 -37.81 12.77
CA ALA B 114 -10.26 -37.14 13.57
C ALA B 114 -9.41 -36.20 12.70
N LEU B 115 -9.25 -36.58 11.44
CA LEU B 115 -8.52 -35.75 10.49
C LEU B 115 -9.36 -35.60 9.23
N GLN B 116 -9.52 -34.36 8.77
CA GLN B 116 -10.50 -34.07 7.74
C GLN B 116 -10.08 -32.86 6.92
N ILE B 117 -10.30 -32.94 5.61
CA ILE B 117 -10.07 -31.80 4.71
C ILE B 117 -11.35 -31.48 3.94
N VAL B 118 -11.78 -30.24 4.01
CA VAL B 118 -12.99 -29.82 3.32
C VAL B 118 -12.72 -28.66 2.35
N PRO B 119 -13.05 -28.85 1.07
CA PRO B 119 -12.94 -27.79 0.08
C PRO B 119 -14.13 -26.82 0.21
N PHE B 120 -13.85 -25.54 0.35
CA PHE B 120 -14.91 -24.55 0.53
C PHE B 120 -14.58 -23.23 -0.18
N ASN B 121 -14.02 -23.34 -1.37
CA ASN B 121 -13.71 -22.16 -2.17
C ASN B 121 -14.91 -21.73 -3.01
N ASP B 122 -15.73 -22.71 -3.41
CA ASP B 122 -16.99 -22.44 -4.08
C ASP B 122 -18.11 -22.46 -3.04
N ARG B 123 -18.43 -21.29 -2.49
CA ARG B 123 -19.28 -21.23 -1.31
C ARG B 123 -20.73 -20.81 -1.54
N TYR B 124 -21.01 -20.17 -2.67
CA TYR B 124 -22.33 -19.59 -2.88
C TYR B 124 -23.45 -20.59 -2.65
N ASN B 125 -24.37 -20.25 -1.75
CA ASN B 125 -25.52 -21.09 -1.46
C ASN B 125 -25.16 -22.42 -0.80
N ARG B 126 -23.95 -22.51 -0.27
CA ARG B 126 -23.50 -23.72 0.41
C ARG B 126 -23.03 -23.36 1.81
N THR B 127 -22.91 -24.36 2.68
CA THR B 127 -22.46 -24.12 4.05
C THR B 127 -21.47 -25.18 4.53
N ILE B 128 -20.80 -24.88 5.63
CA ILE B 128 -19.90 -25.83 6.27
C ILE B 128 -20.31 -26.04 7.72
N PRO B 129 -20.40 -27.30 8.14
CA PRO B 129 -20.87 -27.61 9.50
C PRO B 129 -19.90 -27.09 10.54
N VAL B 130 -20.39 -26.23 11.44
CA VAL B 130 -19.57 -25.68 12.50
C VAL B 130 -20.11 -26.10 13.85
N ALA B 131 -19.28 -26.82 14.61
CA ALA B 131 -19.69 -27.37 15.90
C ALA B 131 -19.54 -26.36 17.03
N LYS B 132 -20.23 -26.63 18.13
CA LYS B 132 -20.20 -25.77 19.31
C LYS B 132 -18.78 -25.39 19.72
N HIS B 133 -17.87 -26.37 19.71
CA HIS B 133 -16.51 -26.15 20.18
C HIS B 133 -15.48 -26.18 19.06
N ASP B 134 -15.89 -25.79 17.86
CA ASP B 134 -14.96 -25.63 16.76
C ASP B 134 -14.11 -24.38 16.99
N ILE B 135 -12.79 -24.56 17.02
CA ILE B 135 -11.87 -23.44 17.15
C ILE B 135 -11.20 -23.18 15.80
N PHE B 136 -11.13 -21.91 15.42
CA PHE B 136 -10.59 -21.56 14.11
C PHE B 136 -9.18 -20.97 14.16
N ILE B 137 -8.34 -21.41 13.22
CA ILE B 137 -7.00 -20.87 13.04
C ILE B 137 -6.93 -20.22 11.67
N ALA B 138 -6.75 -18.91 11.64
CA ALA B 138 -6.71 -18.16 10.40
C ALA B 138 -5.29 -17.94 9.90
N THR B 139 -5.16 -17.72 8.60
CA THR B 139 -3.86 -17.44 7.98
C THR B 139 -3.93 -16.12 7.19
N ALA B 140 -4.32 -16.19 5.93
CA ALA B 140 -4.51 -15.00 5.12
C ALA B 140 -5.60 -14.12 5.75
N TRP B 141 -5.50 -12.80 5.58
CA TRP B 141 -6.39 -11.88 6.26
C TRP B 141 -7.87 -12.15 6.02
N TRP B 142 -8.22 -12.60 4.82
CA TRP B 142 -9.62 -12.86 4.51
C TRP B 142 -10.14 -14.12 5.19
N THR B 143 -9.23 -15.01 5.58
CA THR B 143 -9.62 -16.19 6.36
C THR B 143 -9.93 -15.79 7.79
N ALA B 144 -9.17 -14.85 8.34
CA ALA B 144 -9.45 -14.28 9.65
C ALA B 144 -10.73 -13.47 9.61
N TYR B 145 -10.92 -12.73 8.53
CA TYR B 145 -12.13 -11.94 8.32
C TYR B 145 -13.35 -12.84 8.46
N ALA B 146 -13.31 -14.00 7.80
CA ALA B 146 -14.41 -14.96 7.84
C ALA B 146 -14.53 -15.62 9.23
N ALA B 147 -13.41 -16.06 9.77
CA ALA B 147 -13.37 -16.67 11.10
C ALA B 147 -14.07 -15.79 12.13
N GLN B 148 -13.72 -14.51 12.14
CA GLN B 148 -14.29 -13.58 13.11
C GLN B 148 -15.82 -13.47 12.99
N ARG B 149 -16.33 -13.65 11.78
CA ARG B 149 -17.77 -13.62 11.55
C ARG B 149 -18.43 -14.95 11.88
N ILE B 150 -17.70 -16.04 11.70
CA ILE B 150 -18.19 -17.36 12.08
C ILE B 150 -18.31 -17.46 13.59
N VAL B 151 -17.32 -16.90 14.29
CA VAL B 151 -17.34 -16.89 15.76
C VAL B 151 -18.58 -16.18 16.30
N SER B 152 -18.95 -15.08 15.66
CA SER B 152 -20.12 -14.32 16.07
C SER B 152 -21.39 -15.14 15.84
N TRP B 153 -21.49 -15.74 14.66
CA TRP B 153 -22.60 -16.62 14.34
C TRP B 153 -22.66 -17.78 15.34
N GLN B 154 -21.47 -18.26 15.72
CA GLN B 154 -21.36 -19.42 16.60
C GLN B 154 -21.92 -19.13 17.99
N SER B 155 -21.51 -18.01 18.57
CA SER B 155 -21.94 -17.66 19.92
C SER B 155 -23.43 -17.31 20.00
N ASP B 156 -23.98 -16.79 18.91
CA ASP B 156 -25.40 -16.48 18.85
C ASP B 156 -26.20 -17.77 18.74
N THR B 157 -25.73 -18.66 17.87
CA THR B 157 -26.41 -19.91 17.57
C THR B 157 -26.43 -20.86 18.77
N TYR B 158 -25.29 -20.99 19.43
CA TYR B 158 -25.16 -21.96 20.52
C TYR B 158 -25.28 -21.31 21.89
N GLY B 159 -25.54 -20.00 21.91
CA GLY B 159 -25.65 -19.28 23.16
C GLY B 159 -24.43 -19.46 24.06
N ILE B 160 -23.26 -19.20 23.50
CA ILE B 160 -22.03 -19.26 24.28
C ILE B 160 -21.26 -17.96 24.10
N PRO B 161 -20.34 -17.66 25.03
CA PRO B 161 -19.44 -16.53 24.81
C PRO B 161 -18.48 -16.86 23.67
N PRO B 162 -18.02 -15.85 22.92
CA PRO B 162 -17.14 -16.06 21.77
C PRO B 162 -15.91 -16.91 22.11
N ASN B 163 -15.62 -17.89 21.25
CA ASN B 163 -14.38 -18.65 21.37
C ASN B 163 -13.18 -17.86 20.85
N LYS B 164 -11.99 -18.24 21.32
CA LYS B 164 -10.75 -17.61 20.85
C LYS B 164 -10.44 -18.02 19.42
N ILE B 165 -9.98 -17.06 18.63
CA ILE B 165 -9.45 -17.34 17.31
C ILE B 165 -7.93 -17.31 17.36
N LEU B 166 -7.30 -18.28 16.69
CA LEU B 166 -5.85 -18.27 16.55
C LEU B 166 -5.50 -17.68 15.19
N TYR B 167 -4.71 -16.62 15.20
CA TYR B 167 -4.40 -15.88 13.99
C TYR B 167 -2.91 -15.97 13.68
N ILE B 168 -2.55 -16.70 12.64
CA ILE B 168 -1.16 -16.81 12.19
C ILE B 168 -0.82 -15.68 11.21
N ILE B 169 -0.11 -14.67 11.69
CA ILE B 169 0.16 -13.48 10.92
C ILE B 169 1.55 -13.54 10.28
N GLN B 170 1.59 -13.67 8.95
CA GLN B 170 2.83 -13.85 8.21
C GLN B 170 3.47 -12.53 7.77
N ASP B 171 2.66 -11.48 7.72
CA ASP B 171 3.12 -10.17 7.28
C ASP B 171 2.03 -9.15 7.59
N PHE B 172 2.34 -7.88 7.42
CA PHE B 172 1.33 -6.84 7.52
C PHE B 172 0.56 -6.81 6.19
N GLU B 173 -0.44 -7.68 6.09
CA GLU B 173 -1.11 -7.94 4.81
C GLU B 173 -1.81 -6.75 4.14
N PRO B 174 -2.20 -5.73 4.92
CA PRO B 174 -2.69 -4.53 4.24
C PRO B 174 -1.66 -3.99 3.25
N GLY B 175 -0.38 -4.23 3.52
CA GLY B 175 0.68 -3.78 2.65
C GLY B 175 0.64 -4.42 1.28
N PHE B 176 -0.20 -5.43 1.13
CA PHE B 176 -0.34 -6.12 -0.16
C PHE B 176 -1.21 -5.31 -1.11
N TYR B 177 -1.75 -4.21 -0.60
CA TYR B 177 -2.64 -3.39 -1.39
C TYR B 177 -2.27 -1.92 -1.23
N GLN B 178 -2.63 -1.12 -2.23
CA GLN B 178 -2.60 0.33 -2.08
C GLN B 178 -3.76 0.69 -1.16
N TRP B 179 -3.72 1.90 -0.60
CA TRP B 179 -4.86 2.37 0.16
C TRP B 179 -6.14 2.18 -0.65
N SER B 180 -7.08 1.43 -0.07
CA SER B 180 -8.26 0.98 -0.80
C SER B 180 -9.13 0.16 0.12
N SER B 181 -10.19 -0.43 -0.46
CA SER B 181 -11.10 -1.26 0.32
C SER B 181 -10.38 -2.46 0.92
N GLN B 182 -9.68 -3.22 0.08
CA GLN B 182 -8.93 -4.38 0.55
C GLN B 182 -8.00 -4.02 1.71
N TYR B 183 -7.33 -2.87 1.60
CA TYR B 183 -6.39 -2.42 2.62
C TYR B 183 -7.05 -2.33 4.00
N VAL B 184 -8.18 -1.63 4.08
CA VAL B 184 -8.84 -1.41 5.37
C VAL B 184 -9.53 -2.67 5.87
N LEU B 185 -10.04 -3.48 4.94
CA LEU B 185 -10.65 -4.75 5.32
C LEU B 185 -9.60 -5.68 5.92
N ALA B 186 -8.45 -5.78 5.25
CA ALA B 186 -7.34 -6.56 5.75
C ALA B 186 -6.93 -6.08 7.14
N GLU B 187 -6.83 -4.77 7.31
CA GLU B 187 -6.42 -4.22 8.58
C GLU B 187 -7.49 -4.40 9.65
N SER B 188 -8.76 -4.35 9.24
CA SER B 188 -9.86 -4.49 10.19
C SER B 188 -9.77 -5.81 10.98
N THR B 189 -9.12 -6.82 10.40
CA THR B 189 -8.95 -8.10 11.09
C THR B 189 -8.01 -7.99 12.28
N TYR B 190 -7.17 -6.95 12.29
CA TYR B 190 -6.28 -6.69 13.41
C TYR B 190 -6.96 -5.87 14.49
N LYS B 191 -8.03 -5.17 14.13
CA LYS B 191 -8.73 -4.29 15.05
C LYS B 191 -9.93 -5.01 15.69
N TYR B 192 -10.15 -6.24 15.26
CA TYR B 192 -11.15 -7.11 15.86
C TYR B 192 -11.00 -7.10 17.39
N ARG B 193 -12.10 -6.92 18.09
CA ARG B 193 -12.06 -6.76 19.54
C ARG B 193 -12.46 -8.01 20.31
N GLY B 194 -12.80 -9.07 19.58
CA GLY B 194 -13.10 -10.34 20.21
C GLY B 194 -11.83 -11.05 20.65
N PRO B 195 -11.97 -12.16 21.38
CA PRO B 195 -10.81 -12.94 21.83
C PRO B 195 -10.01 -13.43 20.63
N GLN B 196 -8.73 -13.06 20.56
CA GLN B 196 -7.89 -13.44 19.44
C GLN B 196 -6.43 -13.51 19.84
N ILE B 197 -5.78 -14.62 19.50
CA ILE B 197 -4.36 -14.80 19.77
C ILE B 197 -3.55 -14.64 18.49
N ALA B 198 -2.57 -13.75 18.52
CA ALA B 198 -1.71 -13.54 17.36
C ALA B 198 -0.45 -14.36 17.50
N VAL B 199 -0.10 -15.08 16.43
CA VAL B 199 1.20 -15.74 16.34
C VAL B 199 1.94 -15.13 15.17
N PHE B 200 2.92 -14.29 15.46
CA PHE B 200 3.64 -13.55 14.43
C PHE B 200 4.79 -14.33 13.83
N ASN B 201 4.92 -14.26 12.51
CA ASN B 201 6.11 -14.77 11.86
C ASN B 201 7.23 -13.74 11.99
N SER B 202 8.16 -14.04 12.90
CA SER B 202 9.30 -13.16 13.23
C SER B 202 8.95 -12.12 14.28
N GLU B 203 9.93 -11.78 15.12
CA GLU B 203 9.76 -10.77 16.15
C GLU B 203 9.68 -9.37 15.55
N LEU B 204 10.40 -9.15 14.45
CA LEU B 204 10.34 -7.86 13.77
C LEU B 204 8.91 -7.50 13.41
N LEU B 205 8.20 -8.46 12.85
CA LEU B 205 6.81 -8.27 12.49
C LEU B 205 5.96 -7.95 13.72
N LYS B 206 6.19 -8.70 14.81
CA LYS B 206 5.48 -8.46 16.06
C LYS B 206 5.67 -7.03 16.54
N GLN B 207 6.93 -6.61 16.64
CA GLN B 207 7.24 -5.26 17.11
C GLN B 207 6.62 -4.21 16.19
N TYR B 208 6.56 -4.52 14.90
CA TYR B 208 5.93 -3.62 13.93
C TYR B 208 4.46 -3.41 14.28
N PHE B 209 3.76 -4.50 14.57
CA PHE B 209 2.36 -4.43 14.99
C PHE B 209 2.21 -3.67 16.31
N ASN B 210 3.09 -3.97 17.27
CA ASN B 210 3.07 -3.28 18.56
C ASN B 210 3.20 -1.77 18.41
N ASN B 211 4.11 -1.34 17.54
CA ASN B 211 4.31 0.08 17.28
C ASN B 211 3.08 0.78 16.70
N LYS B 212 2.34 0.09 15.85
CA LYS B 212 1.14 0.66 15.26
C LYS B 212 -0.03 0.59 16.23
N GLY B 213 0.18 -0.05 17.37
CA GLY B 213 -0.79 -0.08 18.43
C GLY B 213 -1.93 -1.06 18.29
N TYR B 214 -1.67 -2.20 17.62
CA TYR B 214 -2.69 -3.23 17.50
C TYR B 214 -2.78 -4.04 18.78
N ASN B 215 -3.98 -4.51 19.10
CA ASN B 215 -4.22 -5.27 20.33
C ASN B 215 -4.76 -6.67 20.08
N PHE B 216 -4.21 -7.64 20.80
CA PHE B 216 -4.66 -9.01 20.73
C PHE B 216 -4.76 -9.58 22.15
N THR B 217 -5.57 -10.61 22.32
CA THR B 217 -5.67 -11.25 23.64
C THR B 217 -4.32 -11.76 24.12
N ASP B 218 -3.55 -12.33 23.21
CA ASP B 218 -2.20 -12.81 23.50
C ASP B 218 -1.31 -12.66 22.28
N GLU B 219 -0.01 -12.57 22.49
CA GLU B 219 0.94 -12.47 21.38
C GLU B 219 2.08 -13.47 21.50
N TYR B 220 2.29 -14.22 20.43
CA TYR B 220 3.44 -15.11 20.32
C TYR B 220 4.12 -14.82 19.00
N PHE B 221 5.30 -15.40 18.82
CA PHE B 221 6.00 -15.31 17.55
C PHE B 221 7.02 -16.44 17.43
N PHE B 222 7.38 -16.77 16.20
CA PHE B 222 8.44 -17.72 15.95
C PHE B 222 9.52 -17.08 15.10
N GLN B 223 10.77 -17.17 15.53
CA GLN B 223 11.89 -16.58 14.82
C GLN B 223 12.27 -17.40 13.59
N PRO B 224 12.81 -16.75 12.56
CA PRO B 224 13.30 -17.45 11.37
C PRO B 224 14.36 -18.50 11.73
N LYS B 225 14.29 -19.65 11.09
CA LYS B 225 15.27 -20.70 11.30
C LYS B 225 15.79 -21.21 9.96
N ILE B 226 17.11 -21.36 9.87
CA ILE B 226 17.73 -21.76 8.61
C ILE B 226 17.11 -23.04 8.05
N ASN B 227 16.82 -23.03 6.75
CA ASN B 227 16.31 -24.21 6.06
C ASN B 227 17.17 -25.43 6.37
N THR B 228 16.52 -26.49 6.83
CA THR B 228 17.24 -27.67 7.33
C THR B 228 18.14 -28.32 6.28
N THR B 229 17.67 -28.39 5.04
CA THR B 229 18.50 -28.89 3.95
C THR B 229 19.74 -28.03 3.74
N LEU B 230 19.55 -26.72 3.69
CA LEU B 230 20.66 -25.79 3.50
C LEU B 230 21.69 -25.90 4.62
N LYS B 231 21.25 -26.13 5.85
CA LYS B 231 22.15 -26.20 6.99
C LYS B 231 23.19 -27.31 6.83
N ASN B 232 22.86 -28.32 6.04
CA ASN B 232 23.76 -29.45 5.82
C ASN B 232 24.98 -29.08 4.96
N TYR B 233 24.92 -27.94 4.30
CA TYR B 233 26.01 -27.50 3.43
C TYR B 233 26.76 -26.30 3.99
N ILE B 234 26.28 -25.75 5.09
CA ILE B 234 26.82 -24.49 5.61
C ILE B 234 28.28 -24.61 6.04
N ASN B 235 28.76 -25.84 6.23
CA ASN B 235 30.13 -26.07 6.66
C ASN B 235 31.06 -26.50 5.54
N ASP B 236 30.48 -26.83 4.39
CA ASP B 236 31.27 -27.15 3.20
C ASP B 236 32.28 -26.04 2.88
N LYS B 237 33.36 -26.42 2.22
CA LYS B 237 34.36 -25.45 1.78
C LYS B 237 33.81 -24.66 0.61
N ARG B 238 34.14 -23.37 0.55
CA ARG B 238 33.57 -22.48 -0.46
C ARG B 238 34.62 -21.94 -1.42
N GLN B 239 34.36 -22.11 -2.71
CA GLN B 239 35.25 -21.59 -3.74
C GLN B 239 34.59 -20.37 -4.41
N LYS B 240 34.66 -19.23 -3.74
CA LYS B 240 33.95 -18.04 -4.19
C LYS B 240 34.34 -17.61 -5.60
N GLU B 241 33.32 -17.34 -6.42
CA GLU B 241 33.53 -16.82 -7.77
C GLU B 241 32.92 -15.43 -7.86
N LYS B 242 33.23 -14.72 -8.94
CA LYS B 242 32.66 -13.38 -9.15
C LYS B 242 31.23 -13.49 -9.65
N ILE B 243 30.33 -13.82 -8.73
CA ILE B 243 28.92 -13.98 -9.05
C ILE B 243 28.05 -13.04 -8.19
N ILE B 244 27.22 -12.27 -8.85
CA ILE B 244 26.20 -11.49 -8.15
C ILE B 244 24.89 -12.27 -8.22
N LEU B 245 24.44 -12.72 -7.05
CA LEU B 245 23.23 -13.53 -6.95
C LEU B 245 22.02 -12.67 -6.58
N VAL B 246 20.99 -12.72 -7.43
CA VAL B 246 19.81 -11.89 -7.26
C VAL B 246 18.56 -12.70 -6.95
N TYR B 247 17.86 -12.34 -5.88
CA TYR B 247 16.57 -12.93 -5.58
C TYR B 247 15.50 -12.25 -6.41
N GLY B 248 15.22 -12.81 -7.58
CA GLY B 248 14.30 -12.21 -8.51
C GLY B 248 12.94 -12.89 -8.55
N ARG B 249 11.92 -12.16 -8.10
CA ARG B 249 10.55 -12.66 -8.16
C ARG B 249 9.62 -11.57 -8.66
N PRO B 250 9.48 -11.48 -9.98
CA PRO B 250 8.64 -10.45 -10.62
C PRO B 250 7.22 -10.43 -10.08
N SER B 251 6.70 -11.59 -9.67
CA SER B 251 5.30 -11.70 -9.27
C SER B 251 5.07 -11.26 -7.82
N VAL B 252 6.14 -11.21 -7.04
CA VAL B 252 6.02 -10.77 -5.64
C VAL B 252 6.56 -9.35 -5.49
N LYS B 253 5.66 -8.38 -5.52
CA LYS B 253 6.05 -6.97 -5.50
C LYS B 253 6.95 -6.59 -4.33
N ARG B 254 6.71 -7.21 -3.18
CA ARG B 254 7.53 -6.94 -1.99
C ARG B 254 9.01 -7.17 -2.23
N ASN B 255 9.33 -7.96 -3.26
CA ASN B 255 10.73 -8.26 -3.59
C ASN B 255 11.35 -7.29 -4.59
N ALA B 256 10.57 -6.31 -5.00
CA ALA B 256 11.06 -5.19 -5.81
C ALA B 256 11.97 -5.61 -6.96
N PHE B 257 11.49 -6.52 -7.78
CA PHE B 257 12.26 -7.02 -8.92
C PHE B 257 12.67 -5.93 -9.90
N THR B 258 11.73 -5.06 -10.27
CA THR B 258 12.01 -4.00 -11.24
C THR B 258 13.00 -2.97 -10.72
N LEU B 259 12.96 -2.69 -9.42
CA LEU B 259 13.91 -1.78 -8.81
C LEU B 259 15.32 -2.34 -8.92
N ILE B 260 15.45 -3.65 -8.74
CA ILE B 260 16.74 -4.33 -8.82
C ILE B 260 17.30 -4.28 -10.24
N VAL B 261 16.46 -4.58 -11.23
CA VAL B 261 16.87 -4.53 -12.63
C VAL B 261 17.40 -3.14 -13.00
N GLU B 262 16.64 -2.10 -12.68
CA GLU B 262 17.06 -0.73 -12.93
C GLU B 262 18.42 -0.46 -12.29
N ALA B 263 18.62 -0.97 -11.08
CA ALA B 263 19.86 -0.76 -10.36
C ALA B 263 21.00 -1.46 -11.09
N LEU B 264 20.73 -2.67 -11.58
CA LEU B 264 21.73 -3.44 -12.31
C LEU B 264 22.16 -2.73 -13.60
N LYS B 265 21.19 -2.14 -14.30
CA LYS B 265 21.49 -1.44 -15.54
C LYS B 265 22.47 -0.29 -15.32
N ILE B 266 22.23 0.50 -14.28
CA ILE B 266 23.14 1.58 -13.91
C ILE B 266 24.51 1.03 -13.53
N PHE B 267 24.52 -0.09 -12.81
CA PHE B 267 25.76 -0.73 -12.38
C PHE B 267 26.60 -1.18 -13.58
N VAL B 268 25.94 -1.78 -14.57
CA VAL B 268 26.63 -2.25 -15.77
C VAL B 268 27.24 -1.07 -16.55
N GLN B 269 26.57 0.08 -16.51
CA GLN B 269 27.01 1.25 -17.24
C GLN B 269 28.13 2.03 -16.54
N LYS B 270 28.01 2.17 -15.23
CA LYS B 270 28.95 2.98 -14.47
C LYS B 270 30.20 2.22 -14.04
N TYR B 271 30.10 0.90 -13.93
CA TYR B 271 31.22 0.09 -13.48
C TYR B 271 31.98 -0.51 -14.65
N ASP B 272 33.24 -0.11 -14.79
CA ASP B 272 34.07 -0.53 -15.91
C ASP B 272 34.58 -1.97 -15.78
N ARG B 273 34.58 -2.48 -14.55
CA ARG B 273 34.99 -3.86 -14.32
C ARG B 273 33.80 -4.82 -14.26
N SER B 274 32.63 -4.35 -14.68
CA SER B 274 31.41 -5.15 -14.60
C SER B 274 31.46 -6.41 -15.46
N ASN B 275 32.25 -6.37 -16.53
CA ASN B 275 32.38 -7.51 -17.42
C ASN B 275 33.02 -8.71 -16.73
N GLU B 276 33.65 -8.46 -15.59
CA GLU B 276 34.28 -9.50 -14.79
C GLU B 276 33.25 -10.31 -14.01
N TRP B 277 32.01 -9.84 -13.98
CA TRP B 277 31.00 -10.45 -13.10
C TRP B 277 29.86 -11.17 -13.82
N LYS B 278 29.43 -12.29 -13.23
CA LYS B 278 28.22 -12.96 -13.67
C LYS B 278 27.07 -12.54 -12.77
N ILE B 279 25.92 -12.25 -13.38
CA ILE B 279 24.75 -11.81 -12.63
C ILE B 279 23.61 -12.80 -12.82
N ILE B 280 23.28 -13.52 -11.74
CA ILE B 280 22.31 -14.60 -11.82
C ILE B 280 21.07 -14.31 -10.97
N SER B 281 19.91 -14.71 -11.48
CA SER B 281 18.65 -14.55 -10.76
C SER B 281 18.07 -15.91 -10.37
N VAL B 282 17.63 -16.02 -9.12
CA VAL B 282 17.00 -17.24 -8.62
C VAL B 282 15.72 -16.91 -7.84
N GLY B 283 14.82 -17.88 -7.76
CA GLY B 283 13.60 -17.72 -6.99
C GLY B 283 12.34 -17.97 -7.81
N GLU B 284 12.25 -17.30 -8.95
CA GLU B 284 11.11 -17.44 -9.84
C GLU B 284 11.54 -17.28 -11.28
N LYS B 285 11.12 -18.20 -12.13
CA LYS B 285 11.57 -18.21 -13.52
C LYS B 285 11.09 -16.99 -14.29
N HIS B 286 12.01 -16.32 -14.95
CA HIS B 286 11.66 -15.22 -15.85
C HIS B 286 12.63 -15.21 -17.03
N LYS B 287 12.29 -14.46 -18.07
CA LYS B 287 13.15 -14.37 -19.24
C LYS B 287 14.45 -13.65 -18.88
N ASP B 288 15.53 -13.99 -19.58
CA ASP B 288 16.79 -13.29 -19.37
C ASP B 288 16.63 -11.82 -19.74
N ILE B 289 17.25 -10.94 -18.96
CA ILE B 289 17.08 -9.50 -19.14
C ILE B 289 18.40 -8.82 -19.49
N ALA B 290 18.42 -8.14 -20.63
CA ALA B 290 19.62 -7.43 -21.08
C ALA B 290 19.91 -6.21 -20.20
N LEU B 291 21.12 -6.14 -19.67
CA LEU B 291 21.49 -5.04 -18.78
C LEU B 291 22.39 -4.04 -19.48
N GLY B 292 22.92 -4.42 -20.64
CA GLY B 292 23.85 -3.58 -21.36
C GLY B 292 25.24 -4.19 -21.43
N LYS B 293 26.05 -3.72 -22.38
CA LYS B 293 27.39 -4.24 -22.57
C LYS B 293 27.40 -5.74 -22.82
N GLY B 294 26.32 -6.26 -23.38
CA GLY B 294 26.22 -7.67 -23.68
C GLY B 294 25.98 -8.53 -22.45
N ILE B 295 25.95 -7.89 -21.28
CA ILE B 295 25.69 -8.58 -20.03
C ILE B 295 24.20 -8.82 -19.82
N HIS B 296 23.84 -9.99 -19.31
CA HIS B 296 22.44 -10.34 -19.08
C HIS B 296 22.19 -10.78 -17.64
N LEU B 297 20.99 -10.50 -17.14
CA LEU B 297 20.52 -11.12 -15.91
C LEU B 297 19.96 -12.48 -16.27
N ASN B 298 20.66 -13.53 -15.88
CA ASN B 298 20.30 -14.89 -16.22
C ASN B 298 19.42 -15.54 -15.16
N SER B 299 18.23 -15.97 -15.56
CA SER B 299 17.28 -16.58 -14.64
C SER B 299 17.46 -18.09 -14.53
N LEU B 300 17.65 -18.58 -13.32
CA LEU B 300 17.69 -20.03 -13.07
C LEU B 300 16.38 -20.52 -12.48
N GLY B 301 15.41 -19.63 -12.36
CA GLY B 301 14.13 -19.96 -11.75
C GLY B 301 14.32 -20.41 -10.31
N LYS B 302 13.46 -21.32 -9.85
CA LYS B 302 13.58 -21.85 -8.50
C LYS B 302 14.38 -23.15 -8.49
N LEU B 303 15.59 -23.10 -7.95
CA LEU B 303 16.45 -24.26 -7.88
C LEU B 303 16.01 -25.20 -6.76
N THR B 304 16.44 -26.45 -6.82
CA THR B 304 16.28 -27.36 -5.70
C THR B 304 17.12 -26.79 -4.56
N LEU B 305 16.77 -27.14 -3.33
CA LEU B 305 17.54 -26.65 -2.19
C LEU B 305 19.01 -27.05 -2.30
N GLU B 306 19.26 -28.18 -2.96
CA GLU B 306 20.62 -28.66 -3.13
C GLU B 306 21.40 -27.75 -4.08
N ASP B 307 20.84 -27.52 -5.26
CA ASP B 307 21.48 -26.65 -6.26
C ASP B 307 21.62 -25.23 -5.72
N TYR B 308 20.56 -24.75 -5.08
CA TYR B 308 20.57 -23.45 -4.43
C TYR B 308 21.74 -23.37 -3.45
N ALA B 309 21.92 -24.42 -2.65
CA ALA B 309 23.01 -24.48 -1.69
C ALA B 309 24.36 -24.35 -2.40
N ASP B 310 24.52 -25.06 -3.50
CA ASP B 310 25.76 -25.05 -4.25
C ASP B 310 26.04 -23.65 -4.80
N LEU B 311 25.01 -23.05 -5.39
CA LEU B 311 25.12 -21.71 -5.94
C LEU B 311 25.49 -20.69 -4.86
N LEU B 312 24.95 -20.87 -3.66
CA LEU B 312 25.26 -19.97 -2.55
C LEU B 312 26.74 -20.04 -2.18
N LYS B 313 27.28 -21.26 -2.17
CA LYS B 313 28.67 -21.46 -1.81
C LYS B 313 29.62 -20.77 -2.78
N ARG B 314 29.24 -20.72 -4.05
CA ARG B 314 30.08 -20.14 -5.08
C ARG B 314 29.94 -18.62 -5.21
N SER B 315 28.79 -18.09 -4.81
CA SER B 315 28.49 -16.67 -5.01
C SER B 315 29.12 -15.75 -3.97
N SER B 316 29.45 -14.52 -4.37
CA SER B 316 30.16 -13.59 -3.50
C SER B 316 29.33 -12.39 -3.07
N ILE B 317 28.44 -11.95 -3.95
CA ILE B 317 27.57 -10.83 -3.64
C ILE B 317 26.11 -11.22 -3.84
N GLY B 318 25.25 -10.75 -2.94
CA GLY B 318 23.83 -11.04 -3.05
C GLY B 318 22.97 -9.78 -2.99
N ILE B 319 21.85 -9.82 -3.70
CA ILE B 319 20.86 -8.76 -3.64
C ILE B 319 19.48 -9.37 -3.38
N SER B 320 18.90 -9.02 -2.24
CA SER B 320 17.59 -9.54 -1.86
C SER B 320 16.82 -8.47 -1.10
N LEU B 321 15.72 -8.02 -1.68
CA LEU B 321 14.94 -6.93 -1.08
C LEU B 321 13.62 -7.43 -0.52
N MET B 322 13.14 -6.78 0.53
CA MET B 322 11.89 -7.15 1.17
C MET B 322 11.20 -5.90 1.69
N ILE B 323 10.29 -5.35 0.90
CA ILE B 323 9.58 -4.14 1.32
C ILE B 323 8.52 -4.51 2.35
N SER B 324 8.94 -4.58 3.62
CA SER B 324 8.10 -5.09 4.69
C SER B 324 8.94 -5.20 5.96
N PRO B 325 8.31 -5.12 7.13
CA PRO B 325 9.09 -5.26 8.37
C PRO B 325 9.73 -6.63 8.43
N HIS B 326 9.09 -7.62 7.83
CA HIS B 326 9.61 -8.98 7.81
C HIS B 326 10.96 -9.03 7.11
N PRO B 327 11.90 -9.83 7.65
CA PRO B 327 13.26 -9.87 7.11
C PRO B 327 13.38 -10.67 5.82
N SER B 328 12.46 -11.63 5.63
CA SER B 328 12.55 -12.61 4.55
C SER B 328 13.78 -13.51 4.73
N TYR B 329 13.81 -14.63 4.02
CA TYR B 329 14.83 -15.67 4.28
C TYR B 329 16.12 -15.56 3.46
N PRO B 330 16.00 -15.34 2.14
CA PRO B 330 17.19 -15.29 1.28
C PRO B 330 18.31 -14.37 1.79
N PRO B 331 17.99 -13.14 2.24
CA PRO B 331 19.06 -12.29 2.77
C PRO B 331 19.83 -12.98 3.89
N LEU B 332 19.12 -13.70 4.74
CA LEU B 332 19.71 -14.38 5.88
C LEU B 332 20.52 -15.59 5.41
N GLU B 333 19.94 -16.34 4.47
CA GLU B 333 20.62 -17.50 3.89
C GLU B 333 21.91 -17.08 3.18
N MET B 334 21.85 -16.01 2.40
CA MET B 334 23.02 -15.52 1.70
C MET B 334 24.14 -15.10 2.65
N ALA B 335 23.78 -14.37 3.70
CA ALA B 335 24.76 -13.90 4.67
C ALA B 335 25.51 -15.05 5.33
N HIS B 336 24.79 -16.13 5.62
CA HIS B 336 25.37 -17.28 6.31
C HIS B 336 26.17 -18.19 5.38
N PHE B 337 26.16 -17.87 4.08
CA PHE B 337 26.97 -18.60 3.12
C PHE B 337 28.16 -17.78 2.61
N GLY B 338 28.44 -16.68 3.30
CA GLY B 338 29.62 -15.88 3.00
C GLY B 338 29.47 -14.81 1.93
N LEU B 339 28.22 -14.52 1.53
CA LEU B 339 27.97 -13.45 0.58
C LEU B 339 27.85 -12.11 1.30
N ARG B 340 28.34 -11.06 0.66
CA ARG B 340 28.00 -9.71 1.09
C ARG B 340 26.65 -9.44 0.48
N VAL B 341 25.67 -9.14 1.33
CA VAL B 341 24.29 -9.04 0.88
C VAL B 341 23.75 -7.62 0.93
N ILE B 342 23.20 -7.14 -0.19
CA ILE B 342 22.51 -5.87 -0.22
C ILE B 342 21.02 -6.08 0.05
N THR B 343 20.52 -5.43 1.10
CA THR B 343 19.10 -5.50 1.43
C THR B 343 18.61 -4.13 1.88
N ASN B 344 17.35 -4.04 2.30
CA ASN B 344 16.76 -2.75 2.60
C ASN B 344 16.24 -2.62 4.03
N LYS B 345 16.38 -1.44 4.60
CA LYS B 345 15.70 -1.12 5.85
C LYS B 345 14.21 -1.00 5.57
N TYR B 346 13.41 -1.27 6.60
CA TYR B 346 12.01 -0.90 6.57
C TYR B 346 11.51 -0.69 7.99
N GLU B 347 11.17 0.56 8.31
CA GLU B 347 10.72 0.91 9.66
C GLU B 347 11.68 0.37 10.70
N ASN B 348 11.20 -0.55 11.54
CA ASN B 348 11.98 -1.12 12.62
C ASN B 348 13.02 -2.15 12.17
N LYS B 349 12.96 -2.57 10.91
CA LYS B 349 13.90 -3.58 10.42
C LYS B 349 15.18 -2.97 9.88
N ASP B 350 16.31 -3.42 10.41
CA ASP B 350 17.62 -3.07 9.90
C ASP B 350 18.55 -4.26 10.11
N LEU B 351 18.65 -5.11 9.08
CA LEU B 351 19.40 -6.36 9.20
C LEU B 351 20.92 -6.16 9.27
N SER B 352 21.38 -4.92 9.22
CA SER B 352 22.82 -4.66 9.22
C SER B 352 23.45 -5.08 10.54
N ASN B 353 22.69 -4.97 11.62
CA ASN B 353 23.19 -5.35 12.93
C ASN B 353 22.83 -6.77 13.34
N TRP B 354 22.28 -7.52 12.39
CA TRP B 354 22.01 -8.95 12.59
C TRP B 354 23.25 -9.76 12.22
N HIS B 355 23.97 -9.28 11.21
CA HIS B 355 25.08 -10.03 10.65
C HIS B 355 26.01 -9.09 9.89
N SER B 356 27.32 -9.32 10.01
CA SER B 356 28.30 -8.40 9.41
C SER B 356 28.29 -8.44 7.88
N ASN B 357 27.88 -9.57 7.31
CA ASN B 357 27.81 -9.71 5.86
C ASN B 357 26.66 -8.92 5.22
N ILE B 358 25.76 -8.41 6.05
CA ILE B 358 24.58 -7.73 5.55
C ILE B 358 24.76 -6.22 5.44
N VAL B 359 24.58 -5.71 4.23
CA VAL B 359 24.61 -4.27 3.98
C VAL B 359 23.19 -3.77 3.80
N SER B 360 22.79 -2.85 4.68
CA SER B 360 21.42 -2.34 4.68
C SER B 360 21.34 -0.90 4.15
N LEU B 361 20.64 -0.72 3.04
CA LEU B 361 20.43 0.60 2.45
C LEU B 361 19.18 1.30 3.01
N GLU B 362 19.35 2.54 3.44
CA GLU B 362 18.21 3.32 3.92
C GLU B 362 17.51 4.04 2.77
N GLN B 363 18.31 4.72 1.94
CA GLN B 363 17.78 5.36 0.74
C GLN B 363 17.73 4.35 -0.40
N LEU B 364 16.53 3.92 -0.75
CA LEU B 364 16.36 2.83 -1.70
C LEU B 364 16.02 3.31 -3.12
N ASN B 365 17.04 3.42 -3.96
CA ASN B 365 16.87 3.78 -5.36
C ASN B 365 17.94 3.11 -6.22
N PRO B 366 17.75 3.09 -7.55
CA PRO B 366 18.69 2.38 -8.43
C PRO B 366 20.14 2.86 -8.25
N GLU B 367 20.34 4.17 -8.10
CA GLU B 367 21.69 4.73 -8.00
C GLU B 367 22.46 4.22 -6.78
N ASN B 368 21.79 4.18 -5.63
CA ASN B 368 22.45 3.76 -4.39
C ASN B 368 22.77 2.27 -4.40
N ILE B 369 21.85 1.47 -4.91
CA ILE B 369 22.10 0.04 -5.06
C ILE B 369 23.27 -0.19 -6.01
N ALA B 370 23.31 0.54 -7.11
CA ALA B 370 24.41 0.45 -8.06
C ALA B 370 25.72 0.85 -7.39
N GLU B 371 25.70 1.97 -6.68
CA GLU B 371 26.89 2.49 -6.01
C GLU B 371 27.42 1.49 -4.99
N THR B 372 26.54 1.05 -4.09
CA THR B 372 26.89 0.04 -3.10
C THR B 372 27.46 -1.20 -3.80
N LEU B 373 26.81 -1.63 -4.87
CA LEU B 373 27.26 -2.78 -5.64
C LEU B 373 28.70 -2.62 -6.13
N VAL B 374 29.04 -1.42 -6.61
CA VAL B 374 30.40 -1.15 -7.07
C VAL B 374 31.39 -1.27 -5.92
N GLU B 375 31.02 -0.76 -4.75
CA GLU B 375 31.88 -0.88 -3.57
C GLU B 375 32.14 -2.33 -3.23
N LEU B 376 31.07 -3.13 -3.18
CA LEU B 376 31.20 -4.54 -2.83
C LEU B 376 32.07 -5.28 -3.84
N CYS B 377 31.86 -5.01 -5.12
CA CYS B 377 32.68 -5.63 -6.15
C CYS B 377 34.16 -5.30 -5.96
N MET B 378 34.45 -4.03 -5.69
CA MET B 378 35.83 -3.59 -5.47
C MET B 378 36.45 -4.26 -4.25
N SER B 379 35.64 -4.53 -3.23
CA SER B 379 36.13 -5.12 -2.00
C SER B 379 36.44 -6.61 -2.18
N PHE B 380 36.02 -7.17 -3.31
CA PHE B 380 36.27 -8.57 -3.61
C PHE B 380 37.74 -8.77 -3.97
N ASN B 381 38.45 -7.65 -4.11
CA ASN B 381 39.87 -7.68 -4.47
C ASN B 381 40.12 -8.39 -5.80
N LYS B 388 29.71 -14.78 7.56
CA LYS B 388 31.14 -14.90 7.78
C LYS B 388 31.56 -14.43 9.17
N GLU B 389 32.03 -13.19 9.25
CA GLU B 389 32.69 -12.67 10.46
C GLU B 389 31.81 -12.63 11.71
N SER B 390 30.95 -11.62 11.81
CA SER B 390 30.15 -11.42 13.02
C SER B 390 28.67 -11.72 12.84
N SER B 391 28.06 -12.30 13.87
CA SER B 391 26.63 -12.59 13.85
C SER B 391 25.98 -12.29 15.19
N ASN B 392 24.81 -11.67 15.14
CA ASN B 392 24.02 -11.41 16.34
C ASN B 392 22.63 -12.02 16.18
N MET B 393 22.55 -13.06 15.36
CA MET B 393 21.30 -13.75 15.12
C MET B 393 21.54 -15.26 15.22
N MET B 394 22.17 -15.67 16.32
CA MET B 394 22.49 -17.07 16.55
C MET B 394 21.24 -17.96 16.51
N PHE B 395 20.13 -17.43 17.00
CA PHE B 395 18.87 -18.17 17.01
C PHE B 395 18.58 -18.82 15.66
N TYR B 396 19.10 -18.21 14.59
CA TYR B 396 18.80 -18.62 13.22
C TYR B 396 19.35 -20.01 12.89
N ILE B 397 20.45 -20.39 13.53
CA ILE B 397 21.07 -21.68 13.24
C ILE B 397 21.26 -22.53 14.48
N ASN B 398 20.47 -22.27 15.52
CA ASN B 398 20.62 -22.97 16.79
C ASN B 398 19.37 -23.67 17.30
N GLU B 399 19.36 -23.91 18.60
CA GLU B 399 18.29 -24.62 19.30
C GLU B 399 17.42 -25.47 18.39
N PHE B 400 16.16 -25.07 18.28
CA PHE B 400 15.11 -25.84 17.62
C PHE B 400 13.86 -25.54 18.44
N ASN B 401 12.80 -26.32 18.25
CA ASN B 401 11.60 -26.16 19.04
C ASN B 401 11.08 -24.73 18.91
N GLU B 402 11.08 -24.22 17.68
CA GLU B 402 10.65 -22.86 17.42
C GLU B 402 9.16 -22.69 17.73
N PHE B 403 8.46 -23.82 17.86
CA PHE B 403 7.05 -23.80 18.21
C PHE B 403 6.87 -24.30 19.65
N SER B 404 7.72 -23.82 20.55
CA SER B 404 7.67 -24.20 21.96
C SER B 404 6.45 -23.63 22.65
N PHE B 405 5.78 -22.69 22.00
CA PHE B 405 4.62 -22.04 22.58
C PHE B 405 3.34 -22.81 22.30
N ILE B 406 3.40 -23.73 21.34
CA ILE B 406 2.21 -24.47 20.91
C ILE B 406 1.42 -25.04 22.08
N LYS B 407 2.12 -25.72 22.99
CA LYS B 407 1.44 -26.35 24.13
C LYS B 407 0.86 -25.31 25.09
N GLU B 408 1.56 -24.19 25.27
CA GLU B 408 1.03 -23.10 26.08
C GLU B 408 -0.25 -22.53 25.45
N ILE B 409 -0.34 -22.59 24.12
CA ILE B 409 -1.53 -22.14 23.41
C ILE B 409 -2.64 -23.18 23.51
N GLU B 410 -2.27 -24.46 23.48
CA GLU B 410 -3.25 -25.54 23.56
C GLU B 410 -4.06 -25.48 24.87
N GLU B 411 -3.45 -24.93 25.90
CA GLU B 411 -4.11 -24.82 27.21
C GLU B 411 -5.17 -23.70 27.20
N LYS B 412 -5.14 -22.88 26.17
CA LYS B 412 -6.01 -21.70 26.12
C LYS B 412 -7.22 -21.88 25.22
N LEU B 413 -7.36 -23.07 24.65
CA LEU B 413 -8.47 -23.36 23.74
C LEU B 413 -9.35 -24.49 24.29
#